data_1ON0
#
_entry.id   1ON0
#
_cell.length_a   61.891
_cell.length_b   101.594
_cell.length_c   62.120
_cell.angle_alpha   90
_cell.angle_beta   97
_cell.angle_gamma   90
#
_symmetry.space_group_name_H-M   'P 1 21 1'
#
loop_
_entity.id
_entity.type
_entity.pdbx_description
1 polymer 'YycN protein'
2 non-polymer 'SULFATE ION'
3 non-polymer 'CHLORIDE ION'
4 water water
#
_entity_poly.entity_id   1
_entity_poly.type   'polypeptide(L)'
_entity_poly.pdbx_seq_one_letter_code
;(MSE)TI(MSE)LTP(MSE)QTEEFRSYLTYTTKHYAEEKVKAGTWLPEDAQLLSKQVFTDLLPRGLETPHHHLWSLKLN
EKDIVGWLWIHAEPEHPQQEAFIYDFGLYEPYRGKGYAKQALAALDQAARS(MSE)GIRKLSLHVFAHNQTARKLYEQTG
FQETDVV(MSE)SKKLLE
;
_entity_poly.pdbx_strand_id   A,B,C,D
#
loop_
_chem_comp.id
_chem_comp.type
_chem_comp.name
_chem_comp.formula
CL non-polymer 'CHLORIDE ION' 'Cl -1'
SO4 non-polymer 'SULFATE ION' 'O4 S -2'
#
# COMPACT_ATOMS: atom_id res chain seq x y z
N THR A 2 26.88 15.42 21.66
CA THR A 2 27.52 14.08 21.70
C THR A 2 26.51 13.01 21.30
N ILE A 3 26.92 12.08 20.44
CA ILE A 3 26.03 11.02 19.98
C ILE A 3 26.27 9.75 20.79
N MSE A 4 25.32 9.35 21.61
CA MSE A 4 25.52 8.15 22.35
C MSE A 4 24.75 6.97 21.75
O MSE A 4 23.65 7.13 21.18
CB MSE A 4 25.21 8.36 23.84
CG MSE A 4 23.79 8.75 24.20
SE MSE A 4 23.65 9.61 25.97
CE MSE A 4 22.27 10.89 25.56
N LEU A 5 25.37 5.81 21.80
CA LEU A 5 24.77 4.60 21.29
C LEU A 5 24.09 3.89 22.45
N THR A 6 22.84 3.49 22.25
CA THR A 6 22.11 2.78 23.29
C THR A 6 21.48 1.60 22.57
N PRO A 7 21.60 0.39 23.16
CA PRO A 7 21.02 -0.80 22.56
C PRO A 7 19.53 -0.58 22.34
N MSE A 8 19.05 -0.75 21.11
CA MSE A 8 17.63 -0.52 20.82
C MSE A 8 16.68 -1.22 21.76
O MSE A 8 16.85 -2.39 22.12
CB MSE A 8 17.28 -0.95 19.40
CG MSE A 8 17.59 0.04 18.31
SE MSE A 8 16.78 -0.48 16.64
CE MSE A 8 17.82 0.63 15.46
N GLN A 9 15.62 -0.51 22.15
CA GLN A 9 14.62 -1.06 23.02
C GLN A 9 13.57 -1.78 22.20
N THR A 10 12.60 -2.37 22.89
CA THR A 10 11.53 -3.10 22.24
C THR A 10 10.86 -2.27 21.12
N GLU A 11 10.29 -1.13 21.47
CA GLU A 11 9.60 -0.28 20.51
C GLU A 11 10.49 0.36 19.44
N GLU A 12 11.66 0.85 19.83
CA GLU A 12 12.58 1.47 18.87
C GLU A 12 12.88 0.45 17.77
N PHE A 13 13.04 -0.81 18.16
CA PHE A 13 13.37 -1.86 17.21
C PHE A 13 12.27 -2.13 16.20
N ARG A 14 11.07 -2.39 16.70
CA ARG A 14 9.93 -2.68 15.83
C ARG A 14 9.71 -1.59 14.80
N SER A 15 9.72 -0.34 15.25
CA SER A 15 9.55 0.78 14.35
C SER A 15 10.68 0.78 13.33
N TYR A 16 11.90 0.53 13.80
CA TYR A 16 13.07 0.49 12.94
C TYR A 16 12.93 -0.61 11.90
N LEU A 17 12.39 -1.75 12.31
CA LEU A 17 12.22 -2.87 11.40
C LEU A 17 11.24 -2.50 10.30
N THR A 18 10.10 -1.92 10.67
CA THR A 18 9.12 -1.53 9.66
C THR A 18 9.72 -0.51 8.71
N TYR A 19 10.53 0.38 9.26
CA TYR A 19 11.21 1.46 8.52
C TYR A 19 12.25 0.94 7.50
N THR A 20 13.34 0.35 8.01
CA THR A 20 14.40 -0.17 7.15
C THR A 20 13.90 -1.23 6.18
N THR A 21 12.87 -1.97 6.61
CA THR A 21 12.31 -3.02 5.75
C THR A 21 11.76 -2.37 4.49
N LYS A 22 10.92 -1.35 4.63
CA LYS A 22 10.38 -0.68 3.45
C LYS A 22 11.48 0.09 2.73
N HIS A 23 12.40 0.68 3.48
CA HIS A 23 13.48 1.44 2.86
C HIS A 23 14.41 0.60 2.02
N TYR A 24 14.94 -0.46 2.61
CA TYR A 24 15.84 -1.34 1.87
C TYR A 24 15.20 -1.67 0.52
N ALA A 25 13.93 -2.04 0.55
CA ALA A 25 13.19 -2.39 -0.66
C ALA A 25 13.23 -1.28 -1.68
N GLU A 26 12.92 -0.07 -1.23
CA GLU A 26 12.92 1.08 -2.11
C GLU A 26 14.35 1.35 -2.64
N GLU A 27 15.36 1.12 -1.82
CA GLU A 27 16.75 1.32 -2.24
C GLU A 27 17.16 0.28 -3.28
N LYS A 28 16.61 -0.92 -3.16
CA LYS A 28 16.90 -1.97 -4.13
C LYS A 28 16.19 -1.65 -5.44
N VAL A 29 15.08 -0.92 -5.36
CA VAL A 29 14.38 -0.59 -6.60
C VAL A 29 15.15 0.50 -7.32
N LYS A 30 15.60 1.50 -6.58
CA LYS A 30 16.37 2.61 -7.12
C LYS A 30 17.66 2.11 -7.75
N ALA A 31 18.27 1.12 -7.11
CA ALA A 31 19.52 0.55 -7.62
C ALA A 31 19.24 -0.26 -8.90
N GLY A 32 17.97 -0.59 -9.13
CA GLY A 32 17.60 -1.34 -10.31
C GLY A 32 17.77 -2.83 -10.20
N THR A 33 18.04 -3.30 -8.99
CA THR A 33 18.25 -4.71 -8.72
C THR A 33 16.94 -5.48 -8.59
N TRP A 34 16.02 -4.99 -7.75
CA TRP A 34 14.74 -5.67 -7.57
C TRP A 34 13.64 -4.95 -8.32
N LEU A 35 12.50 -5.61 -8.46
CA LEU A 35 11.36 -5.02 -9.15
C LEU A 35 10.38 -4.51 -8.11
N PRO A 36 9.74 -3.37 -8.42
CA PRO A 36 8.76 -2.71 -7.57
C PRO A 36 7.77 -3.65 -6.90
N GLU A 37 7.06 -4.43 -7.71
CA GLU A 37 6.07 -5.34 -7.16
C GLU A 37 6.69 -6.48 -6.36
N ASP A 38 8.01 -6.47 -6.22
CA ASP A 38 8.70 -7.51 -5.48
C ASP A 38 9.47 -6.97 -4.28
N ALA A 39 9.97 -5.75 -4.41
CA ALA A 39 10.75 -5.09 -3.37
C ALA A 39 10.27 -5.33 -1.94
N GLN A 40 9.03 -4.93 -1.64
CA GLN A 40 8.46 -5.08 -0.31
C GLN A 40 8.59 -6.49 0.28
N LEU A 41 8.11 -7.48 -0.46
CA LEU A 41 8.17 -8.86 0.01
C LEU A 41 9.60 -9.37 0.18
N LEU A 42 10.43 -9.22 -0.85
CA LEU A 42 11.82 -9.68 -0.77
C LEU A 42 12.52 -9.10 0.46
N SER A 43 12.33 -7.80 0.69
CA SER A 43 12.94 -7.12 1.82
C SER A 43 12.56 -7.74 3.15
N LYS A 44 11.26 -7.86 3.40
CA LYS A 44 10.78 -8.44 4.65
C LYS A 44 11.54 -9.73 4.95
N GLN A 45 11.55 -10.63 3.96
CA GLN A 45 12.22 -11.92 4.11
C GLN A 45 13.71 -11.81 4.42
N VAL A 46 14.41 -10.90 3.77
CA VAL A 46 15.84 -10.71 4.02
C VAL A 46 16.09 -10.34 5.48
N PHE A 47 15.30 -9.39 6.00
CA PHE A 47 15.45 -8.93 7.36
C PHE A 47 14.93 -9.92 8.39
N THR A 48 13.99 -10.77 7.99
CA THR A 48 13.48 -11.77 8.90
C THR A 48 14.52 -12.86 9.05
N ASP A 49 15.16 -13.24 7.95
CA ASP A 49 16.20 -14.27 7.98
C ASP A 49 17.43 -13.79 8.75
N LEU A 50 17.77 -12.52 8.60
CA LEU A 50 18.90 -11.92 9.29
C LEU A 50 18.65 -11.75 10.78
N LEU A 51 17.39 -11.51 11.13
CA LEU A 51 17.04 -11.31 12.52
C LEU A 51 15.86 -12.20 12.98
N PRO A 52 16.04 -13.54 12.90
CA PRO A 52 15.03 -14.51 13.30
C PRO A 52 14.51 -14.19 14.68
N ARG A 53 15.44 -13.83 15.56
CA ARG A 53 15.10 -13.53 16.93
C ARG A 53 15.15 -12.03 17.28
N GLY A 54 14.92 -11.18 16.28
CA GLY A 54 14.96 -9.76 16.53
C GLY A 54 16.24 -9.39 17.27
N LEU A 55 16.09 -8.63 18.35
CA LEU A 55 17.24 -8.20 19.15
C LEU A 55 18.00 -9.35 19.81
N GLU A 56 17.33 -10.48 20.01
CA GLU A 56 17.94 -11.65 20.63
C GLU A 56 18.89 -12.37 19.65
N THR A 57 18.83 -12.03 18.36
CA THR A 57 19.71 -12.68 17.38
C THR A 57 21.18 -12.42 17.77
N PRO A 58 21.89 -13.49 18.15
CA PRO A 58 23.30 -13.41 18.56
C PRO A 58 24.27 -12.80 17.56
N HIS A 59 25.26 -12.09 18.10
CA HIS A 59 26.32 -11.40 17.34
C HIS A 59 25.84 -10.12 16.64
N HIS A 60 24.53 -9.87 16.67
CA HIS A 60 23.97 -8.67 16.05
C HIS A 60 23.80 -7.56 17.08
N HIS A 61 24.23 -6.34 16.74
CA HIS A 61 24.07 -5.25 17.70
C HIS A 61 23.33 -4.10 17.06
N LEU A 62 22.14 -3.82 17.58
CA LEU A 62 21.31 -2.73 17.05
C LEU A 62 21.21 -1.57 18.04
N TRP A 63 21.70 -0.41 17.62
CA TRP A 63 21.68 0.78 18.45
C TRP A 63 20.83 1.92 17.91
N SER A 64 20.31 2.74 18.82
CA SER A 64 19.53 3.90 18.46
C SER A 64 20.46 5.05 18.76
N LEU A 65 20.91 5.75 17.74
CA LEU A 65 21.82 6.89 17.96
C LEU A 65 21.04 8.00 18.64
N LYS A 66 21.41 8.34 19.88
CA LYS A 66 20.72 9.39 20.62
C LYS A 66 21.59 10.63 20.85
N LEU A 67 21.05 11.80 20.53
CA LEU A 67 21.79 13.05 20.72
C LEU A 67 21.67 13.40 22.20
N ASN A 68 20.57 12.94 22.79
CA ASN A 68 20.26 13.14 24.20
C ASN A 68 19.15 12.13 24.51
N GLU A 69 18.34 12.38 25.53
CA GLU A 69 17.30 11.42 25.88
C GLU A 69 15.97 11.50 25.14
N LYS A 70 15.64 12.65 24.57
CA LYS A 70 14.37 12.77 23.85
C LYS A 70 14.57 12.89 22.35
N ASP A 71 15.83 12.93 21.92
CA ASP A 71 16.15 13.06 20.51
C ASP A 71 16.89 11.86 19.95
N ILE A 72 16.15 11.03 19.22
CA ILE A 72 16.71 9.84 18.61
C ILE A 72 17.07 10.24 17.17
N VAL A 73 18.32 10.66 16.96
CA VAL A 73 18.77 11.09 15.65
C VAL A 73 18.89 10.00 14.58
N GLY A 74 19.08 8.75 15.00
CA GLY A 74 19.23 7.72 14.00
C GLY A 74 19.43 6.30 14.50
N TRP A 75 19.98 5.46 13.64
CA TRP A 75 20.18 4.06 13.99
C TRP A 75 21.52 3.53 13.55
N LEU A 76 21.90 2.39 14.10
CA LEU A 76 23.16 1.78 13.76
C LEU A 76 23.01 0.30 14.02
N TRP A 77 23.32 -0.51 13.02
CA TRP A 77 23.19 -1.94 13.15
C TRP A 77 24.42 -2.59 12.60
N ILE A 78 25.18 -3.25 13.47
CA ILE A 78 26.38 -3.93 13.03
C ILE A 78 26.31 -5.37 13.50
N HIS A 79 27.03 -6.22 12.77
CA HIS A 79 27.12 -7.65 13.03
C HIS A 79 28.58 -7.96 13.27
N ALA A 80 28.90 -8.54 14.44
CA ALA A 80 30.27 -8.87 14.80
C ALA A 80 30.53 -10.34 14.55
N GLU A 81 31.03 -10.61 13.35
CA GLU A 81 31.34 -11.96 12.91
C GLU A 81 31.89 -12.80 14.05
N PRO A 82 31.49 -14.08 14.13
CA PRO A 82 31.94 -15.00 15.18
C PRO A 82 33.40 -15.41 14.97
N GLU A 83 34.29 -14.86 15.81
CA GLU A 83 35.71 -15.13 15.73
C GLU A 83 36.28 -14.84 14.35
N HIS A 84 35.74 -13.82 13.69
CA HIS A 84 36.20 -13.42 12.36
C HIS A 84 37.73 -13.35 12.35
N PRO A 85 38.39 -13.98 11.36
CA PRO A 85 39.85 -13.99 11.24
C PRO A 85 40.50 -12.62 11.33
N GLN A 86 39.73 -11.56 11.12
CA GLN A 86 40.28 -10.20 11.22
C GLN A 86 39.48 -9.37 12.22
N GLN A 87 38.64 -10.05 13.01
CA GLN A 87 37.78 -9.41 14.01
C GLN A 87 36.97 -8.30 13.38
N GLU A 88 36.46 -8.55 12.19
CA GLU A 88 35.69 -7.57 11.46
C GLU A 88 34.21 -7.61 11.81
N ALA A 89 33.56 -6.48 11.60
CA ALA A 89 32.15 -6.40 11.84
C ALA A 89 31.63 -5.71 10.60
N PHE A 90 30.45 -6.15 10.17
CA PHE A 90 29.84 -5.58 9.00
C PHE A 90 28.76 -4.63 9.54
N ILE A 91 28.59 -3.51 8.87
CA ILE A 91 27.57 -2.55 9.28
C ILE A 91 26.40 -2.85 8.37
N TYR A 92 25.33 -3.43 8.91
CA TYR A 92 24.15 -3.73 8.08
C TYR A 92 23.33 -2.48 7.79
N ASP A 93 23.38 -1.51 8.69
CA ASP A 93 22.60 -0.30 8.47
C ASP A 93 23.09 0.85 9.35
N PHE A 94 22.94 2.05 8.83
CA PHE A 94 23.35 3.25 9.53
C PHE A 94 22.63 4.42 8.91
N GLY A 95 22.23 5.40 9.72
CA GLY A 95 21.56 6.57 9.19
C GLY A 95 20.88 7.45 10.23
N LEU A 96 20.38 8.60 9.79
CA LEU A 96 19.69 9.52 10.67
C LEU A 96 18.28 9.76 10.16
N TYR A 97 17.33 9.96 11.07
CA TYR A 97 15.98 10.24 10.62
C TYR A 97 16.03 11.60 9.93
N GLU A 98 15.17 11.79 8.94
CA GLU A 98 15.13 13.04 8.18
C GLU A 98 15.20 14.33 8.98
N PRO A 99 14.43 14.44 10.07
CA PRO A 99 14.44 15.67 10.89
C PRO A 99 15.67 15.84 11.80
N TYR A 100 16.80 15.32 11.36
CA TYR A 100 18.02 15.42 12.12
C TYR A 100 19.24 15.44 11.21
N ARG A 101 19.02 15.38 9.90
CA ARG A 101 20.10 15.40 8.93
C ARG A 101 20.46 16.85 8.65
N GLY A 102 21.68 17.07 8.17
CA GLY A 102 22.09 18.44 7.85
C GLY A 102 22.70 19.22 9.00
N LYS A 103 23.02 18.54 10.09
CA LYS A 103 23.65 19.18 11.24
C LYS A 103 25.06 18.59 11.40
N GLY A 104 25.33 17.50 10.69
CA GLY A 104 26.64 16.89 10.79
C GLY A 104 26.72 15.81 11.87
N TYR A 105 25.57 15.38 12.38
CA TYR A 105 25.53 14.36 13.39
C TYR A 105 25.98 13.01 12.81
N ALA A 106 25.78 12.83 11.51
CA ALA A 106 26.15 11.56 10.85
C ALA A 106 27.60 11.26 11.13
N LYS A 107 28.47 12.20 10.78
CA LYS A 107 29.89 12.05 11.00
C LYS A 107 30.18 11.80 12.47
N GLN A 108 29.44 12.48 13.34
CA GLN A 108 29.66 12.30 14.77
C GLN A 108 29.26 10.88 15.15
N ALA A 109 28.17 10.40 14.54
CA ALA A 109 27.71 9.05 14.83
C ALA A 109 28.80 8.07 14.38
N LEU A 110 29.42 8.33 13.23
CA LEU A 110 30.47 7.48 12.69
C LEU A 110 31.68 7.40 13.63
N ALA A 111 32.00 8.50 14.31
CA ALA A 111 33.12 8.50 15.25
C ALA A 111 32.77 7.71 16.53
N ALA A 112 31.50 7.68 16.91
CA ALA A 112 31.09 6.94 18.10
C ALA A 112 31.11 5.46 17.79
N LEU A 113 30.80 5.15 16.53
CA LEU A 113 30.80 3.76 16.07
C LEU A 113 32.20 3.19 16.19
N ASP A 114 33.18 3.93 15.69
CA ASP A 114 34.57 3.47 15.76
C ASP A 114 34.96 3.25 17.21
N GLN A 115 34.64 4.24 18.04
CA GLN A 115 34.93 4.18 19.46
C GLN A 115 34.23 2.98 20.11
N ALA A 116 32.92 2.85 19.91
CA ALA A 116 32.19 1.73 20.51
C ALA A 116 32.65 0.37 19.97
N ALA A 117 32.97 0.31 18.68
CA ALA A 117 33.42 -0.94 18.05
C ALA A 117 34.76 -1.38 18.62
N ARG A 118 35.73 -0.46 18.63
CA ARG A 118 37.05 -0.78 19.14
C ARG A 118 37.01 -1.22 20.61
N SER A 119 36.15 -0.61 21.43
CA SER A 119 36.08 -1.00 22.84
C SER A 119 35.53 -2.43 22.95
N MSE A 120 34.90 -2.90 21.88
CA MSE A 120 34.33 -4.24 21.83
C MSE A 120 35.32 -5.27 21.29
O MSE A 120 35.08 -6.47 21.37
CB MSE A 120 33.08 -4.25 20.94
CG MSE A 120 31.91 -3.45 21.48
SE MSE A 120 30.71 -2.93 20.07
CE MSE A 120 30.04 -4.68 19.60
N GLY A 121 36.43 -4.79 20.75
CA GLY A 121 37.42 -5.70 20.20
C GLY A 121 37.30 -5.88 18.69
N ILE A 122 36.50 -5.03 18.07
CA ILE A 122 36.32 -5.05 16.63
C ILE A 122 37.50 -4.24 16.09
N ARG A 123 38.23 -4.80 15.13
CA ARG A 123 39.40 -4.12 14.57
C ARG A 123 39.19 -3.64 13.14
N LYS A 124 38.04 -3.96 12.57
CA LYS A 124 37.75 -3.59 11.19
C LYS A 124 36.25 -3.50 10.91
N LEU A 125 35.84 -2.50 10.14
CA LEU A 125 34.44 -2.32 9.80
C LEU A 125 34.23 -2.49 8.32
N SER A 126 33.14 -3.16 7.97
CA SER A 126 32.83 -3.40 6.58
C SER A 126 31.38 -2.98 6.36
N LEU A 127 31.05 -2.50 5.17
CA LEU A 127 29.68 -2.07 4.92
C LEU A 127 29.31 -2.02 3.45
N HIS A 128 28.01 -2.04 3.20
CA HIS A 128 27.52 -1.95 1.86
C HIS A 128 26.78 -0.62 1.75
N VAL A 129 26.95 0.05 0.61
CA VAL A 129 26.29 1.33 0.35
C VAL A 129 25.89 1.37 -1.12
N PHE A 130 24.60 1.61 -1.39
CA PHE A 130 24.13 1.69 -2.77
C PHE A 130 24.85 2.83 -3.48
N ALA A 131 25.37 2.58 -4.67
CA ALA A 131 26.09 3.59 -5.44
C ALA A 131 25.34 4.90 -5.58
N HIS A 132 24.01 4.83 -5.67
CA HIS A 132 23.19 6.04 -5.83
C HIS A 132 23.15 6.92 -4.59
N ASN A 133 23.69 6.41 -3.48
CA ASN A 133 23.72 7.18 -2.24
C ASN A 133 25.06 7.91 -2.23
N GLN A 134 25.27 8.80 -3.19
CA GLN A 134 26.52 9.55 -3.29
C GLN A 134 26.90 10.25 -1.99
N THR A 135 25.98 11.04 -1.45
CA THR A 135 26.27 11.78 -0.22
C THR A 135 26.78 10.84 0.85
N ALA A 136 26.07 9.75 1.10
CA ALA A 136 26.56 8.83 2.11
C ALA A 136 27.90 8.22 1.70
N ARG A 137 28.16 8.04 0.41
CA ARG A 137 29.46 7.48 0.02
C ARG A 137 30.58 8.45 0.39
N LYS A 138 30.33 9.73 0.17
CA LYS A 138 31.32 10.76 0.46
C LYS A 138 31.65 10.78 1.94
N LEU A 139 30.63 10.71 2.78
CA LEU A 139 30.80 10.72 4.23
C LEU A 139 31.71 9.58 4.66
N TYR A 140 31.41 8.38 4.19
CA TYR A 140 32.21 7.20 4.52
C TYR A 140 33.67 7.36 4.12
N GLU A 141 33.88 7.87 2.91
CA GLU A 141 35.22 8.10 2.38
C GLU A 141 35.96 9.11 3.22
N GLN A 142 35.26 10.17 3.59
CA GLN A 142 35.84 11.23 4.40
C GLN A 142 36.21 10.74 5.78
N THR A 143 35.41 9.82 6.33
CA THR A 143 35.71 9.28 7.65
C THR A 143 36.68 8.10 7.62
N GLY A 144 37.29 7.82 6.47
CA GLY A 144 38.27 6.74 6.43
C GLY A 144 37.96 5.48 5.65
N PHE A 145 36.69 5.22 5.37
CA PHE A 145 36.27 4.03 4.65
C PHE A 145 36.85 4.01 3.23
N GLN A 146 37.14 2.82 2.73
CA GLN A 146 37.67 2.71 1.39
C GLN A 146 36.89 1.65 0.65
N GLU A 147 36.72 1.86 -0.65
CA GLU A 147 35.99 0.92 -1.49
C GLU A 147 36.82 -0.35 -1.69
N THR A 148 36.15 -1.50 -1.75
CA THR A 148 36.84 -2.76 -1.94
C THR A 148 36.23 -3.52 -3.12
N ASP A 149 34.91 -3.42 -3.26
CA ASP A 149 34.19 -4.09 -4.34
C ASP A 149 33.12 -3.13 -4.88
N VAL A 150 32.83 -3.27 -6.16
CA VAL A 150 31.84 -2.43 -6.81
C VAL A 150 31.05 -3.30 -7.76
N VAL A 151 29.73 -3.19 -7.70
CA VAL A 151 28.89 -3.94 -8.61
C VAL A 151 28.39 -2.92 -9.62
N MSE A 152 28.27 -3.33 -10.87
CA MSE A 152 27.82 -2.44 -11.93
C MSE A 152 26.87 -3.20 -12.87
O MSE A 152 26.80 -4.43 -12.85
CB MSE A 152 29.01 -1.92 -12.74
CG MSE A 152 30.06 -1.20 -11.93
SE MSE A 152 31.60 -0.77 -13.01
CE MSE A 152 30.97 0.90 -13.75
N SER A 153 26.15 -2.46 -13.71
CA SER A 153 25.23 -3.04 -14.67
C SER A 153 24.94 -2.05 -15.80
N LYS A 154 24.09 -2.48 -16.73
CA LYS A 154 23.72 -1.64 -17.86
C LYS A 154 22.65 -2.36 -18.65
N LYS A 155 21.67 -1.61 -19.15
CA LYS A 155 20.60 -2.18 -19.97
C LYS A 155 21.09 -2.22 -21.41
N LEU A 156 20.70 -3.26 -22.16
CA LEU A 156 21.11 -3.37 -23.57
C LEU A 156 20.08 -2.70 -24.50
N LEU A 157 19.88 -3.28 -25.69
CA LEU A 157 18.94 -2.73 -26.66
C LEU A 157 17.50 -2.91 -26.18
N THR B 2 -7.36 9.26 2.67
CA THR B 2 -7.45 10.52 1.94
C THR B 2 -6.24 11.39 2.27
N ILE B 3 -5.71 12.05 1.25
CA ILE B 3 -4.56 12.92 1.42
C ILE B 3 -5.03 14.36 1.40
N MSE B 4 -4.78 15.09 2.48
CA MSE B 4 -5.19 16.48 2.57
C MSE B 4 -4.10 17.45 2.21
O MSE B 4 -2.93 17.25 2.55
CB MSE B 4 -5.69 16.81 3.98
CG MSE B 4 -6.88 16.01 4.43
SE MSE B 4 -7.44 16.50 6.20
CE MSE B 4 -6.15 15.50 7.22
N LEU B 5 -4.47 18.50 1.49
CA LEU B 5 -3.55 19.56 1.09
C LEU B 5 -3.78 20.76 2.01
N THR B 6 -2.81 21.09 2.84
CA THR B 6 -2.95 22.24 3.72
C THR B 6 -1.80 23.18 3.38
N PRO B 7 -2.08 24.47 3.25
CA PRO B 7 -0.98 25.40 2.93
C PRO B 7 0.07 25.40 4.06
N MSE B 8 1.35 25.35 3.71
CA MSE B 8 2.40 25.33 4.72
C MSE B 8 2.40 26.60 5.55
O MSE B 8 2.05 27.68 5.07
CB MSE B 8 3.79 25.22 4.09
CG MSE B 8 4.09 23.94 3.31
SE MSE B 8 6.00 23.82 2.97
CE MSE B 8 6.29 25.58 2.26
N GLN B 9 2.81 26.45 6.81
CA GLN B 9 2.91 27.56 7.75
C GLN B 9 4.39 27.91 7.79
N THR B 10 4.70 29.13 8.21
CA THR B 10 6.09 29.59 8.29
C THR B 10 7.03 28.56 8.93
N GLU B 11 6.52 27.81 9.89
CA GLU B 11 7.33 26.80 10.56
C GLU B 11 7.76 25.74 9.55
N GLU B 12 6.77 25.16 8.88
CA GLU B 12 7.02 24.12 7.89
C GLU B 12 7.88 24.59 6.72
N PHE B 13 7.52 25.72 6.14
CA PHE B 13 8.26 26.25 5.01
C PHE B 13 9.77 26.24 5.22
N ARG B 14 10.23 26.99 6.22
CA ARG B 14 11.66 27.08 6.53
C ARG B 14 12.33 25.68 6.59
N SER B 15 11.68 24.74 7.28
CA SER B 15 12.18 23.36 7.41
C SER B 15 12.08 22.65 6.06
N TYR B 16 11.06 22.99 5.29
CA TYR B 16 10.90 22.40 3.97
C TYR B 16 12.02 22.92 3.07
N LEU B 17 12.26 24.23 3.11
CA LEU B 17 13.30 24.86 2.30
C LEU B 17 14.66 24.18 2.49
N THR B 18 15.08 24.03 3.74
CA THR B 18 16.34 23.41 4.07
C THR B 18 16.36 21.97 3.54
N TYR B 19 15.22 21.30 3.65
CA TYR B 19 15.10 19.94 3.17
C TYR B 19 15.24 19.89 1.65
N THR B 20 14.28 20.51 0.96
CA THR B 20 14.29 20.50 -0.51
C THR B 20 15.60 21.01 -1.12
N THR B 21 16.10 22.13 -0.62
CA THR B 21 17.34 22.69 -1.13
C THR B 21 18.50 21.70 -1.08
N LYS B 22 18.67 21.07 0.08
CA LYS B 22 19.75 20.11 0.25
C LYS B 22 19.53 18.90 -0.66
N HIS B 23 18.27 18.54 -0.81
CA HIS B 23 17.91 17.41 -1.66
C HIS B 23 18.14 17.71 -3.15
N TYR B 24 17.78 18.92 -3.57
CA TYR B 24 17.94 19.33 -4.97
C TYR B 24 19.41 19.30 -5.40
N ALA B 25 20.29 19.72 -4.50
CA ALA B 25 21.71 19.73 -4.80
C ALA B 25 22.17 18.30 -5.04
N GLU B 26 21.68 17.38 -4.22
CA GLU B 26 22.04 15.98 -4.33
C GLU B 26 21.53 15.44 -5.68
N GLU B 27 20.37 15.91 -6.11
CA GLU B 27 19.79 15.46 -7.37
C GLU B 27 20.60 16.01 -8.55
N LYS B 28 21.00 17.26 -8.44
CA LYS B 28 21.75 17.86 -9.52
C LYS B 28 23.12 17.20 -9.67
N VAL B 29 23.73 16.82 -8.55
CA VAL B 29 25.03 16.14 -8.61
C VAL B 29 24.85 14.75 -9.20
N LYS B 30 23.81 14.06 -8.77
CA LYS B 30 23.53 12.73 -9.27
C LYS B 30 23.35 12.76 -10.78
N ALA B 31 22.60 13.73 -11.26
CA ALA B 31 22.34 13.88 -12.69
C ALA B 31 23.65 14.23 -13.42
N GLY B 32 24.62 14.72 -12.66
CA GLY B 32 25.90 15.10 -13.21
C GLY B 32 25.89 16.56 -13.62
N THR B 33 24.76 17.22 -13.40
CA THR B 33 24.59 18.62 -13.77
C THR B 33 25.50 19.56 -12.97
N TRP B 34 25.49 19.45 -11.64
CA TRP B 34 26.33 20.31 -10.82
C TRP B 34 27.37 19.53 -10.08
N LEU B 35 28.56 20.13 -9.94
CA LEU B 35 29.66 19.51 -9.22
C LEU B 35 29.35 19.59 -7.73
N PRO B 36 29.71 18.56 -6.97
CA PRO B 36 29.48 18.51 -5.53
C PRO B 36 29.80 19.81 -4.79
N GLU B 37 31.01 20.32 -5.00
CA GLU B 37 31.47 21.55 -4.37
C GLU B 37 30.57 22.73 -4.67
N ASP B 38 29.88 22.66 -5.80
CA ASP B 38 28.99 23.72 -6.22
C ASP B 38 27.57 23.47 -5.71
N ALA B 39 27.06 22.28 -5.99
CA ALA B 39 25.70 21.84 -5.63
C ALA B 39 24.95 22.64 -4.56
N GLN B 40 25.43 22.58 -3.32
CA GLN B 40 24.82 23.27 -2.19
C GLN B 40 24.51 24.74 -2.44
N LEU B 41 25.52 25.50 -2.86
CA LEU B 41 25.34 26.92 -3.13
C LEU B 41 24.36 27.18 -4.27
N LEU B 42 24.58 26.50 -5.39
CA LEU B 42 23.70 26.67 -6.55
C LEU B 42 22.25 26.41 -6.16
N SER B 43 22.03 25.45 -5.26
CA SER B 43 20.69 25.08 -4.82
C SER B 43 19.93 26.16 -4.06
N LYS B 44 20.57 26.80 -3.11
CA LYS B 44 19.87 27.83 -2.34
C LYS B 44 19.43 28.99 -3.26
N GLN B 45 20.29 29.35 -4.21
CA GLN B 45 20.01 30.43 -5.16
C GLN B 45 18.78 30.16 -6.00
N VAL B 46 18.73 28.97 -6.59
CA VAL B 46 17.59 28.59 -7.40
C VAL B 46 16.29 28.75 -6.61
N PHE B 47 16.24 28.16 -5.42
CA PHE B 47 15.03 28.23 -4.59
C PHE B 47 14.80 29.63 -4.04
N THR B 48 15.86 30.40 -3.87
CA THR B 48 15.69 31.75 -3.38
C THR B 48 15.13 32.64 -4.48
N ASP B 49 15.67 32.50 -5.68
CA ASP B 49 15.20 33.31 -6.79
C ASP B 49 13.78 32.91 -7.17
N LEU B 50 13.47 31.63 -7.01
CA LEU B 50 12.13 31.11 -7.32
C LEU B 50 11.14 31.53 -6.26
N LEU B 51 11.64 31.68 -5.05
CA LEU B 51 10.81 32.07 -3.92
C LEU B 51 11.41 33.27 -3.17
N PRO B 52 11.27 34.48 -3.73
CA PRO B 52 11.79 35.71 -3.14
C PRO B 52 11.27 35.97 -1.73
N ARG B 53 9.95 36.12 -1.63
CA ARG B 53 9.27 36.36 -0.37
C ARG B 53 8.86 35.05 0.30
N GLY B 54 9.47 33.94 -0.11
CA GLY B 54 9.10 32.66 0.48
C GLY B 54 7.66 32.30 0.19
N LEU B 55 6.88 32.07 1.25
CA LEU B 55 5.47 31.70 1.10
C LEU B 55 4.60 32.85 0.57
N GLU B 56 5.12 34.07 0.63
CA GLU B 56 4.36 35.22 0.13
C GLU B 56 4.64 35.48 -1.34
N THR B 57 5.43 34.61 -1.96
CA THR B 57 5.72 34.76 -3.36
C THR B 57 4.41 34.44 -4.08
N PRO B 58 3.75 35.45 -4.65
CA PRO B 58 2.49 35.26 -5.36
C PRO B 58 2.46 34.18 -6.42
N HIS B 59 1.31 33.50 -6.51
CA HIS B 59 1.06 32.43 -7.48
C HIS B 59 1.63 31.07 -7.09
N HIS B 60 2.50 31.07 -6.08
CA HIS B 60 3.09 29.83 -5.61
C HIS B 60 2.20 29.26 -4.54
N HIS B 61 2.06 27.94 -4.54
CA HIS B 61 1.25 27.30 -3.54
C HIS B 61 2.00 26.10 -3.01
N LEU B 62 2.47 26.22 -1.78
CA LEU B 62 3.20 25.11 -1.17
C LEU B 62 2.25 24.54 -0.12
N TRP B 63 2.02 23.25 -0.23
CA TRP B 63 1.10 22.52 0.66
C TRP B 63 1.80 21.38 1.38
N SER B 64 1.33 21.07 2.58
CA SER B 64 1.87 19.94 3.33
C SER B 64 0.82 18.87 3.10
N LEU B 65 1.22 17.69 2.65
CA LEU B 65 0.26 16.61 2.42
C LEU B 65 0.06 15.84 3.72
N LYS B 66 -1.17 15.77 4.19
CA LYS B 66 -1.50 15.06 5.42
C LYS B 66 -2.44 13.88 5.18
N LEU B 67 -2.24 12.80 5.94
CA LEU B 67 -3.07 11.60 5.81
C LEU B 67 -4.17 11.80 6.82
N ASN B 68 -3.84 12.58 7.84
CA ASN B 68 -4.76 12.89 8.91
C ASN B 68 -4.11 14.03 9.65
N GLU B 69 -4.71 14.45 10.74
CA GLU B 69 -4.18 15.57 11.49
C GLU B 69 -2.87 15.30 12.18
N LYS B 70 -2.32 14.11 11.99
CA LYS B 70 -1.05 13.79 12.65
C LYS B 70 0.04 13.39 11.68
N ASP B 71 -0.30 12.53 10.74
CA ASP B 71 0.67 12.06 9.78
C ASP B 71 0.84 12.94 8.55
N ILE B 72 1.95 13.66 8.51
CA ILE B 72 2.26 14.52 7.38
C ILE B 72 3.12 13.68 6.44
N VAL B 73 2.47 13.09 5.45
CA VAL B 73 3.09 12.21 4.46
C VAL B 73 4.09 12.84 3.49
N GLY B 74 3.89 14.12 3.18
CA GLY B 74 4.78 14.82 2.26
C GLY B 74 4.56 16.30 2.03
N TRP B 75 4.95 16.76 0.85
CA TRP B 75 4.88 18.16 0.45
C TRP B 75 4.46 18.27 -1.01
N LEU B 76 3.95 19.42 -1.39
CA LEU B 76 3.52 19.64 -2.77
C LEU B 76 3.66 21.12 -3.03
N TRP B 77 4.40 21.48 -4.06
CA TRP B 77 4.59 22.88 -4.39
C TRP B 77 4.33 23.11 -5.86
N ILE B 78 3.30 23.89 -6.18
CA ILE B 78 3.01 24.18 -7.57
C ILE B 78 2.98 25.67 -7.84
N HIS B 79 3.19 26.03 -9.09
CA HIS B 79 3.19 27.41 -9.52
C HIS B 79 2.13 27.57 -10.59
N ALA B 80 1.34 28.64 -10.51
CA ALA B 80 0.30 28.89 -11.49
C ALA B 80 0.56 30.21 -12.22
N GLU B 81 1.50 30.21 -13.17
CA GLU B 81 1.84 31.43 -13.92
C GLU B 81 0.66 32.37 -14.19
N PRO B 82 0.94 33.66 -14.39
CA PRO B 82 -0.09 34.66 -14.66
C PRO B 82 -0.78 34.49 -16.02
N GLU B 83 -2.10 34.37 -15.99
CA GLU B 83 -2.89 34.22 -17.20
C GLU B 83 -2.23 33.28 -18.20
N HIS B 84 -1.92 32.06 -17.78
CA HIS B 84 -1.28 31.13 -18.68
C HIS B 84 -2.24 30.72 -19.79
N PRO B 85 -1.78 30.76 -21.06
CA PRO B 85 -2.61 30.39 -22.21
C PRO B 85 -3.31 29.04 -22.15
N GLN B 86 -2.83 28.15 -21.27
CA GLN B 86 -3.46 26.84 -21.15
C GLN B 86 -3.77 26.56 -19.69
N GLN B 87 -3.87 27.62 -18.90
CA GLN B 87 -4.18 27.52 -17.47
C GLN B 87 -3.30 26.43 -16.85
N GLU B 88 -2.06 26.34 -17.32
CA GLU B 88 -1.14 25.33 -16.82
C GLU B 88 -0.52 25.79 -15.51
N ALA B 89 0.04 24.84 -14.77
CA ALA B 89 0.70 25.14 -13.51
C ALA B 89 1.85 24.17 -13.43
N PHE B 90 3.00 24.65 -12.97
CA PHE B 90 4.18 23.82 -12.86
C PHE B 90 4.33 23.26 -11.47
N ILE B 91 4.74 22.00 -11.41
CA ILE B 91 4.96 21.34 -10.14
C ILE B 91 6.45 21.43 -9.81
N TYR B 92 6.82 22.44 -9.02
CA TYR B 92 8.22 22.60 -8.65
C TYR B 92 8.67 21.47 -7.75
N ASP B 93 7.78 20.93 -6.92
CA ASP B 93 8.24 19.89 -6.04
C ASP B 93 7.10 19.05 -5.48
N PHE B 94 7.37 17.76 -5.36
CA PHE B 94 6.41 16.80 -4.87
C PHE B 94 7.08 15.52 -4.41
N GLY B 95 6.68 15.05 -3.25
CA GLY B 95 7.28 13.84 -2.74
C GLY B 95 6.77 13.59 -1.35
N LEU B 96 7.09 12.42 -0.82
CA LEU B 96 6.66 12.04 0.50
C LEU B 96 7.88 11.82 1.35
N TYR B 97 7.70 11.92 2.66
CA TYR B 97 8.83 11.68 3.55
C TYR B 97 9.09 10.17 3.60
N GLU B 98 10.34 9.82 3.87
CA GLU B 98 10.80 8.44 3.94
C GLU B 98 9.85 7.52 4.72
N PRO B 99 9.51 7.86 5.97
CA PRO B 99 8.61 7.02 6.76
C PRO B 99 7.19 6.80 6.22
N TYR B 100 6.81 7.50 5.14
CA TYR B 100 5.47 7.34 4.57
C TYR B 100 5.46 6.83 3.13
N ARG B 101 6.63 6.41 2.64
CA ARG B 101 6.75 5.87 1.28
C ARG B 101 6.46 4.37 1.35
N GLY B 102 6.17 3.76 0.21
CA GLY B 102 5.90 2.33 0.15
C GLY B 102 4.51 1.92 0.62
N LYS B 103 3.55 2.81 0.47
CA LYS B 103 2.18 2.54 0.90
C LYS B 103 1.18 2.92 -0.18
N GLY B 104 1.68 3.60 -1.21
CA GLY B 104 0.80 4.00 -2.30
C GLY B 104 0.17 5.36 -2.06
N TYR B 105 0.66 6.10 -1.08
CA TYR B 105 0.11 7.42 -0.83
C TYR B 105 0.51 8.39 -1.93
N ALA B 106 1.68 8.19 -2.54
CA ALA B 106 2.15 9.09 -3.59
C ALA B 106 1.11 9.20 -4.69
N LYS B 107 0.64 8.07 -5.20
CA LYS B 107 -0.37 8.13 -6.23
C LYS B 107 -1.62 8.82 -5.69
N GLN B 108 -2.04 8.52 -4.48
CA GLN B 108 -3.24 9.18 -3.95
C GLN B 108 -2.99 10.67 -3.78
N ALA B 109 -1.75 11.03 -3.45
CA ALA B 109 -1.38 12.43 -3.27
C ALA B 109 -1.44 13.13 -4.61
N LEU B 110 -1.20 12.37 -5.67
CA LEU B 110 -1.22 12.94 -7.00
C LEU B 110 -2.64 13.14 -7.47
N ALA B 111 -3.56 12.34 -6.93
CA ALA B 111 -4.96 12.52 -7.30
C ALA B 111 -5.56 13.71 -6.52
N ALA B 112 -5.01 14.03 -5.36
CA ALA B 112 -5.53 15.17 -4.62
C ALA B 112 -4.98 16.41 -5.33
N LEU B 113 -3.86 16.25 -6.03
CA LEU B 113 -3.25 17.36 -6.77
C LEU B 113 -4.21 17.75 -7.88
N ASP B 114 -4.60 16.77 -8.70
CA ASP B 114 -5.52 17.05 -9.81
C ASP B 114 -6.79 17.69 -9.33
N GLN B 115 -7.36 17.12 -8.27
CA GLN B 115 -8.60 17.63 -7.70
C GLN B 115 -8.43 19.09 -7.32
N ALA B 116 -7.32 19.41 -6.66
CA ALA B 116 -7.05 20.77 -6.24
C ALA B 116 -6.82 21.71 -7.43
N ALA B 117 -5.98 21.31 -8.38
CA ALA B 117 -5.73 22.17 -9.54
C ALA B 117 -7.05 22.52 -10.21
N ARG B 118 -7.87 21.52 -10.52
CA ARG B 118 -9.14 21.79 -11.17
C ARG B 118 -10.02 22.78 -10.38
N SER B 119 -10.12 22.60 -9.07
CA SER B 119 -10.94 23.47 -8.25
C SER B 119 -10.46 24.91 -8.34
N MSE B 120 -9.19 25.11 -8.64
CA MSE B 120 -8.66 26.47 -8.73
C MSE B 120 -8.48 27.03 -10.14
O MSE B 120 -7.86 28.06 -10.32
CB MSE B 120 -7.36 26.58 -7.89
CG MSE B 120 -6.40 25.42 -8.08
SE MSE B 120 -5.08 25.18 -6.65
CE MSE B 120 -3.83 26.57 -7.13
N GLY B 121 -9.00 26.33 -11.14
CA GLY B 121 -8.88 26.82 -12.51
C GLY B 121 -7.81 26.20 -13.36
N ILE B 122 -6.81 25.60 -12.74
CA ILE B 122 -5.73 24.97 -13.49
C ILE B 122 -6.28 23.92 -14.44
N ARG B 123 -5.89 23.98 -15.71
CA ARG B 123 -6.36 23.02 -16.70
C ARG B 123 -5.28 22.03 -17.14
N LYS B 124 -4.03 22.30 -16.77
CA LYS B 124 -2.93 21.42 -17.16
C LYS B 124 -1.78 21.48 -16.14
N LEU B 125 -1.08 20.37 -15.99
CA LEU B 125 0.03 20.29 -15.06
C LEU B 125 1.32 19.95 -15.78
N SER B 126 2.39 20.59 -15.34
CA SER B 126 3.70 20.38 -15.94
C SER B 126 4.71 20.19 -14.81
N LEU B 127 5.74 19.38 -15.04
CA LEU B 127 6.74 19.12 -14.02
C LEU B 127 8.07 18.62 -14.58
N HIS B 128 9.10 18.63 -13.73
CA HIS B 128 10.42 18.15 -14.12
C HIS B 128 10.81 16.98 -13.22
N VAL B 129 11.40 15.95 -13.84
CA VAL B 129 11.82 14.78 -13.10
C VAL B 129 13.20 14.39 -13.62
N PHE B 130 14.14 14.16 -12.71
CA PHE B 130 15.49 13.75 -13.09
C PHE B 130 15.43 12.37 -13.71
N ALA B 131 16.13 12.22 -14.82
CA ALA B 131 16.17 10.94 -15.52
C ALA B 131 16.43 9.78 -14.57
N HIS B 132 17.34 9.97 -13.61
CA HIS B 132 17.66 8.88 -12.68
C HIS B 132 16.53 8.50 -11.73
N ASN B 133 15.58 9.41 -11.51
CA ASN B 133 14.44 9.17 -10.63
C ASN B 133 13.43 8.26 -11.34
N GLN B 134 13.87 7.03 -11.63
CA GLN B 134 13.06 6.04 -12.32
C GLN B 134 11.70 5.76 -11.66
N THR B 135 11.68 5.59 -10.35
CA THR B 135 10.42 5.30 -9.67
C THR B 135 9.43 6.42 -9.83
N ALA B 136 9.93 7.66 -9.77
CA ALA B 136 9.06 8.82 -9.92
C ALA B 136 8.50 8.89 -11.34
N ARG B 137 9.36 8.70 -12.33
CA ARG B 137 8.91 8.75 -13.71
C ARG B 137 7.81 7.74 -13.94
N LYS B 138 7.96 6.53 -13.45
CA LYS B 138 6.92 5.54 -13.65
C LYS B 138 5.63 5.93 -12.98
N LEU B 139 5.74 6.49 -11.79
CA LEU B 139 4.57 6.93 -11.04
C LEU B 139 3.85 8.00 -11.86
N TYR B 140 4.59 8.99 -12.35
CA TYR B 140 3.95 10.04 -13.13
C TYR B 140 3.35 9.47 -14.41
N GLU B 141 4.04 8.52 -15.03
CA GLU B 141 3.51 7.92 -16.25
C GLU B 141 2.23 7.16 -15.94
N GLN B 142 2.20 6.45 -14.81
CA GLN B 142 1.00 5.71 -14.44
C GLN B 142 -0.16 6.63 -14.12
N THR B 143 0.10 7.82 -13.59
CA THR B 143 -1.01 8.72 -13.28
C THR B 143 -1.41 9.60 -14.47
N GLY B 144 -0.94 9.28 -15.67
CA GLY B 144 -1.33 10.06 -16.83
C GLY B 144 -0.37 11.10 -17.39
N PHE B 145 0.78 11.27 -16.77
CA PHE B 145 1.78 12.23 -17.23
C PHE B 145 2.53 11.67 -18.41
N GLN B 146 2.82 12.54 -19.36
CA GLN B 146 3.55 12.14 -20.55
C GLN B 146 4.80 12.97 -20.76
N GLU B 147 5.83 12.33 -21.28
CA GLU B 147 7.10 12.97 -21.56
C GLU B 147 6.97 13.88 -22.78
N THR B 148 7.46 15.10 -22.66
CA THR B 148 7.41 16.08 -23.73
C THR B 148 8.82 16.58 -24.12
N ASP B 149 9.67 16.76 -23.11
CA ASP B 149 11.03 17.23 -23.32
C ASP B 149 12.04 16.34 -22.61
N VAL B 150 13.17 16.08 -23.25
CA VAL B 150 14.18 15.22 -22.68
C VAL B 150 15.57 15.84 -22.83
N VAL B 151 16.26 16.08 -21.73
CA VAL B 151 17.61 16.61 -21.82
C VAL B 151 18.54 15.42 -21.64
N MSE B 152 19.65 15.42 -22.39
CA MSE B 152 20.61 14.33 -22.32
C MSE B 152 22.01 14.93 -22.35
O MSE B 152 22.19 16.07 -22.79
CB MSE B 152 20.45 13.38 -23.52
CG MSE B 152 19.06 12.85 -23.73
SE MSE B 152 18.93 11.75 -25.29
CE MSE B 152 19.62 10.10 -24.59
N SER B 153 23.01 14.18 -21.89
CA SER B 153 24.39 14.65 -21.88
C SER B 153 25.35 13.48 -22.08
N LYS B 154 26.56 13.77 -22.51
CA LYS B 154 27.59 12.76 -22.73
C LYS B 154 28.97 13.32 -22.41
N LYS B 155 29.72 12.61 -21.58
CA LYS B 155 31.07 13.07 -21.26
C LYS B 155 31.97 12.55 -22.36
N LEU B 156 33.07 13.26 -22.60
CA LEU B 156 34.04 12.83 -23.62
C LEU B 156 35.28 12.32 -22.91
N LEU B 157 35.97 11.37 -23.53
CA LEU B 157 37.18 10.76 -22.97
C LEU B 157 38.25 11.81 -22.60
N GLU B 158 38.99 11.56 -21.51
CA GLU B 158 40.02 12.49 -21.05
C GLU B 158 39.53 13.94 -21.01
N THR C 2 3.44 -20.48 -1.75
CA THR C 2 3.60 -20.25 -0.31
C THR C 2 2.91 -18.95 0.08
N ILE C 3 2.89 -18.65 1.37
CA ILE C 3 2.26 -17.43 1.88
C ILE C 3 3.26 -16.59 2.65
N MSE C 4 3.40 -15.34 2.23
CA MSE C 4 4.31 -14.41 2.88
C MSE C 4 3.62 -13.11 3.21
O MSE C 4 2.60 -12.76 2.61
CB MSE C 4 5.52 -14.11 1.98
CG MSE C 4 6.57 -15.21 2.02
SE MSE C 4 7.73 -15.18 0.49
CE MSE C 4 6.41 -15.64 -0.86
N LEU C 5 4.17 -12.40 4.18
CA LEU C 5 3.64 -11.12 4.62
C LEU C 5 4.26 -9.97 3.85
N THR C 6 3.51 -8.89 3.73
CA THR C 6 3.96 -7.68 3.05
C THR C 6 3.09 -6.51 3.52
N PRO C 7 3.70 -5.34 3.77
CA PRO C 7 2.89 -4.20 4.24
C PRO C 7 1.69 -3.90 3.35
N MSE C 8 0.50 -3.93 3.95
CA MSE C 8 -0.72 -3.67 3.20
C MSE C 8 -0.70 -2.26 2.60
O MSE C 8 -0.28 -1.30 3.25
CB MSE C 8 -1.95 -3.87 4.10
CG MSE C 8 -3.26 -3.67 3.36
SE MSE C 8 -4.77 -4.06 4.49
CE MSE C 8 -4.66 -2.57 5.64
N GLN C 9 -1.15 -2.14 1.36
CA GLN C 9 -1.16 -0.86 0.65
C GLN C 9 -2.42 -0.05 0.91
N THR C 10 -2.36 1.25 0.64
CA THR C 10 -3.50 2.11 0.91
C THR C 10 -4.79 1.74 0.17
N GLU C 11 -4.71 1.38 -1.10
CA GLU C 11 -5.94 1.01 -1.80
C GLU C 11 -6.47 -0.31 -1.24
N GLU C 12 -5.56 -1.25 -0.97
CA GLU C 12 -6.00 -2.52 -0.42
C GLU C 12 -6.74 -2.29 0.91
N PHE C 13 -6.15 -1.45 1.76
CA PHE C 13 -6.72 -1.09 3.05
C PHE C 13 -8.11 -0.48 2.84
N ARG C 14 -8.27 0.27 1.76
CA ARG C 14 -9.56 0.90 1.46
C ARG C 14 -10.57 -0.20 1.22
N SER C 15 -10.23 -1.13 0.35
CA SER C 15 -11.13 -2.23 0.04
C SER C 15 -11.25 -3.16 1.25
N TYR C 16 -10.13 -3.40 1.92
CA TYR C 16 -10.13 -4.27 3.08
C TYR C 16 -11.02 -3.72 4.21
N LEU C 17 -10.80 -2.47 4.60
CA LEU C 17 -11.58 -1.87 5.68
C LEU C 17 -13.07 -2.01 5.41
N THR C 18 -13.45 -1.91 4.14
CA THR C 18 -14.85 -2.03 3.73
C THR C 18 -15.34 -3.45 3.90
N TYR C 19 -14.73 -4.34 3.15
CA TYR C 19 -15.06 -5.76 3.18
C TYR C 19 -14.98 -6.35 4.58
N THR C 20 -14.26 -5.69 5.49
CA THR C 20 -14.16 -6.22 6.85
C THR C 20 -15.08 -5.52 7.85
N THR C 21 -15.34 -4.24 7.64
CA THR C 21 -16.23 -3.50 8.53
C THR C 21 -17.66 -4.04 8.35
N LYS C 22 -17.95 -4.50 7.15
CA LYS C 22 -19.26 -5.04 6.83
C LYS C 22 -19.40 -6.47 7.36
N HIS C 23 -18.31 -7.23 7.31
CA HIS C 23 -18.33 -8.61 7.80
C HIS C 23 -18.45 -8.63 9.32
N TYR C 24 -17.76 -7.71 9.97
CA TYR C 24 -17.78 -7.64 11.42
C TYR C 24 -19.18 -7.26 11.88
N ALA C 25 -19.99 -6.75 10.96
CA ALA C 25 -21.34 -6.39 11.32
C ALA C 25 -22.23 -7.61 11.09
N GLU C 26 -21.91 -8.40 10.07
CA GLU C 26 -22.69 -9.59 9.75
C GLU C 26 -22.49 -10.66 10.83
N GLU C 27 -21.33 -10.62 11.48
CA GLU C 27 -20.98 -11.55 12.55
C GLU C 27 -21.54 -11.05 13.89
N LYS C 28 -21.51 -9.74 14.09
CA LYS C 28 -22.03 -9.14 15.31
C LYS C 28 -23.54 -9.29 15.37
N VAL C 29 -24.16 -9.55 14.22
CA VAL C 29 -25.59 -9.72 14.14
C VAL C 29 -25.89 -11.20 14.30
N LYS C 30 -25.09 -12.05 13.66
CA LYS C 30 -25.30 -13.49 13.74
C LYS C 30 -24.95 -14.01 15.14
N ALA C 31 -24.59 -13.09 16.03
CA ALA C 31 -24.25 -13.45 17.40
C ALA C 31 -25.25 -12.81 18.35
N GLY C 32 -26.08 -11.91 17.81
CA GLY C 32 -27.08 -11.25 18.61
C GLY C 32 -26.58 -9.98 19.27
N THR C 33 -25.28 -9.94 19.50
CA THR C 33 -24.61 -8.80 20.14
C THR C 33 -25.18 -7.46 19.69
N TRP C 34 -25.29 -7.29 18.37
CA TRP C 34 -25.79 -6.07 17.79
C TRP C 34 -27.04 -6.35 16.95
N LEU C 35 -27.97 -5.40 16.95
CA LEU C 35 -29.21 -5.52 16.19
C LEU C 35 -28.89 -5.32 14.71
N PRO C 36 -29.57 -6.07 13.82
CA PRO C 36 -29.36 -5.96 12.38
C PRO C 36 -29.34 -4.54 11.83
N GLU C 37 -30.12 -3.64 12.43
CA GLU C 37 -30.21 -2.24 11.99
C GLU C 37 -29.32 -1.27 12.75
N ASP C 38 -28.22 -1.78 13.31
CA ASP C 38 -27.27 -0.95 14.06
C ASP C 38 -25.85 -1.38 13.75
N ALA C 39 -25.68 -2.66 13.46
CA ALA C 39 -24.38 -3.25 13.15
C ALA C 39 -23.53 -2.38 12.23
N GLN C 40 -23.96 -2.24 10.99
CA GLN C 40 -23.24 -1.46 10.00
C GLN C 40 -22.69 -0.14 10.55
N LEU C 41 -23.43 0.49 11.47
CA LEU C 41 -22.99 1.75 12.05
C LEU C 41 -21.99 1.60 13.19
N LEU C 42 -22.10 0.50 13.92
CA LEU C 42 -21.20 0.26 15.04
C LEU C 42 -19.85 -0.27 14.55
N SER C 43 -19.87 -1.09 13.50
CA SER C 43 -18.63 -1.63 12.95
C SER C 43 -17.68 -0.50 12.59
N LYS C 44 -18.18 0.46 11.83
CA LYS C 44 -17.41 1.61 11.40
C LYS C 44 -16.82 2.34 12.61
N GLN C 45 -17.61 2.55 13.65
CA GLN C 45 -17.10 3.23 14.83
C GLN C 45 -15.98 2.43 15.48
N VAL C 46 -16.15 1.11 15.51
CA VAL C 46 -15.16 0.22 16.09
C VAL C 46 -13.84 0.26 15.32
N PHE C 47 -13.92 0.19 13.99
CA PHE C 47 -12.72 0.21 13.17
C PHE C 47 -12.05 1.58 13.05
N THR C 48 -12.83 2.64 13.16
CA THR C 48 -12.25 3.97 13.08
C THR C 48 -11.55 4.27 14.40
N ASP C 49 -12.06 3.69 15.49
CA ASP C 49 -11.47 3.89 16.81
C ASP C 49 -10.19 3.08 16.99
N LEU C 50 -10.13 1.96 16.28
CA LEU C 50 -8.96 1.09 16.35
C LEU C 50 -7.83 1.65 15.51
N LEU C 51 -8.19 2.21 14.35
CA LEU C 51 -7.23 2.78 13.41
C LEU C 51 -7.44 4.28 13.14
N PRO C 52 -7.22 5.13 14.17
CA PRO C 52 -7.39 6.59 14.00
C PRO C 52 -6.47 7.17 12.93
N ARG C 53 -5.29 6.58 12.76
CA ARG C 53 -4.37 7.09 11.75
C ARG C 53 -4.20 6.05 10.64
N GLY C 54 -5.30 5.36 10.34
CA GLY C 54 -5.30 4.33 9.30
C GLY C 54 -4.15 3.36 9.45
N LEU C 55 -3.47 3.08 8.33
CA LEU C 55 -2.33 2.17 8.33
C LEU C 55 -1.16 2.79 9.07
N GLU C 56 -1.27 4.06 9.44
CA GLU C 56 -0.17 4.69 10.14
C GLU C 56 -0.37 4.67 11.62
N THR C 57 -1.45 4.01 12.07
CA THR C 57 -1.75 3.94 13.49
C THR C 57 -0.61 3.19 14.16
N PRO C 58 0.08 3.86 15.09
CA PRO C 58 1.19 3.24 15.80
C PRO C 58 0.96 1.90 16.48
N HIS C 59 1.94 1.04 16.32
CA HIS C 59 1.95 -0.28 16.91
C HIS C 59 0.98 -1.27 16.25
N HIS C 60 0.26 -0.82 15.23
CA HIS C 60 -0.65 -1.70 14.50
C HIS C 60 0.03 -2.10 13.22
N HIS C 61 0.06 -3.41 12.95
CA HIS C 61 0.70 -3.92 11.74
C HIS C 61 -0.32 -4.61 10.84
N LEU C 62 -0.62 -3.99 9.70
CA LEU C 62 -1.56 -4.56 8.73
C LEU C 62 -0.75 -5.12 7.57
N TRP C 63 -0.96 -6.41 7.29
CA TRP C 63 -0.23 -7.07 6.21
C TRP C 63 -1.17 -7.73 5.22
N SER C 64 -0.78 -7.73 3.96
CA SER C 64 -1.57 -8.39 2.94
C SER C 64 -0.90 -9.77 2.84
N LEU C 65 -1.71 -10.80 2.65
CA LEU C 65 -1.19 -12.16 2.52
C LEU C 65 -1.07 -12.43 1.04
N LYS C 66 0.16 -12.68 0.60
CA LYS C 66 0.41 -12.93 -0.81
C LYS C 66 0.80 -14.38 -1.07
N LEU C 67 0.27 -14.91 -2.16
CA LEU C 67 0.57 -16.28 -2.57
C LEU C 67 1.64 -16.11 -3.63
N ASN C 68 1.42 -15.11 -4.48
CA ASN C 68 2.35 -14.76 -5.57
C ASN C 68 2.27 -13.28 -5.93
N GLU C 69 3.19 -12.86 -6.79
CA GLU C 69 3.24 -11.47 -7.21
C GLU C 69 2.12 -11.12 -8.19
N LYS C 70 1.11 -11.99 -8.28
CA LYS C 70 -0.02 -11.76 -9.19
C LYS C 70 -1.27 -11.30 -8.42
N ASP C 71 -1.39 -11.75 -7.17
CA ASP C 71 -2.53 -11.37 -6.35
C ASP C 71 -2.28 -11.63 -4.87
N ILE C 72 -3.01 -10.90 -4.04
CA ILE C 72 -2.92 -11.02 -2.60
C ILE C 72 -4.10 -11.88 -2.19
N VAL C 73 -3.81 -12.98 -1.51
CA VAL C 73 -4.85 -13.92 -1.09
C VAL C 73 -5.62 -13.53 0.17
N GLY C 74 -4.96 -12.83 1.09
CA GLY C 74 -5.64 -12.44 2.32
C GLY C 74 -5.09 -11.25 3.09
N TRP C 75 -5.44 -11.19 4.37
CA TRP C 75 -5.01 -10.08 5.23
C TRP C 75 -4.68 -10.55 6.66
N LEU C 76 -3.86 -9.78 7.35
CA LEU C 76 -3.46 -10.11 8.72
C LEU C 76 -3.19 -8.79 9.44
N TRP C 77 -3.88 -8.58 10.53
CA TRP C 77 -3.74 -7.37 11.30
C TRP C 77 -3.42 -7.67 12.76
N ILE C 78 -2.25 -7.24 13.23
CA ILE C 78 -1.90 -7.47 14.63
C ILE C 78 -1.49 -6.17 15.29
N HIS C 79 -1.62 -6.15 16.61
CA HIS C 79 -1.28 -4.99 17.41
C HIS C 79 -0.34 -5.38 18.52
N ALA C 80 0.89 -4.88 18.46
CA ALA C 80 1.89 -5.16 19.46
C ALA C 80 1.83 -4.10 20.55
N GLU C 81 1.07 -4.41 21.60
CA GLU C 81 0.88 -3.52 22.73
C GLU C 81 2.25 -3.14 23.29
N PRO C 82 2.59 -1.85 23.25
CA PRO C 82 3.89 -1.40 23.77
C PRO C 82 4.09 -1.72 25.25
N GLU C 83 5.28 -2.23 25.57
CA GLU C 83 5.63 -2.60 26.93
C GLU C 83 4.74 -3.66 27.58
N HIS C 84 4.15 -4.54 26.77
CA HIS C 84 3.30 -5.60 27.29
C HIS C 84 4.09 -6.63 28.08
N PRO C 85 3.81 -6.77 29.39
CA PRO C 85 4.50 -7.72 30.28
C PRO C 85 4.84 -9.08 29.66
N GLN C 86 3.98 -9.58 28.77
CA GLN C 86 4.24 -10.86 28.13
C GLN C 86 4.54 -10.72 26.64
N GLN C 87 4.95 -9.53 26.23
CA GLN C 87 5.28 -9.23 24.83
C GLN C 87 4.37 -9.96 23.85
N GLU C 88 3.06 -9.84 24.07
CA GLU C 88 2.10 -10.49 23.20
C GLU C 88 1.52 -9.48 22.24
N ALA C 89 1.06 -9.97 21.10
CA ALA C 89 0.43 -9.12 20.11
C ALA C 89 -0.98 -9.66 19.96
N PHE C 90 -1.93 -8.76 19.75
CA PHE C 90 -3.30 -9.17 19.58
C PHE C 90 -3.63 -9.20 18.09
N ILE C 91 -4.29 -10.26 17.64
CA ILE C 91 -4.67 -10.40 16.25
C ILE C 91 -6.05 -9.83 16.06
N TYR C 92 -6.12 -8.59 15.60
CA TYR C 92 -7.38 -7.90 15.40
C TYR C 92 -8.17 -8.45 14.20
N ASP C 93 -7.49 -8.98 13.19
CA ASP C 93 -8.19 -9.51 12.04
C ASP C 93 -7.30 -10.43 11.23
N PHE C 94 -7.91 -11.44 10.63
CA PHE C 94 -7.17 -12.42 9.86
C PHE C 94 -8.13 -13.21 8.99
N GLY C 95 -7.87 -13.22 7.69
CA GLY C 95 -8.75 -13.93 6.78
C GLY C 95 -8.23 -13.96 5.36
N LEU C 96 -8.79 -14.85 4.57
CA LEU C 96 -8.42 -14.97 3.17
C LEU C 96 -9.70 -14.75 2.39
N TYR C 97 -9.58 -14.22 1.18
CA TYR C 97 -10.77 -14.00 0.37
C TYR C 97 -11.25 -15.37 -0.13
N GLU C 98 -12.58 -15.51 -0.23
CA GLU C 98 -13.24 -16.74 -0.67
C GLU C 98 -12.50 -17.53 -1.75
N PRO C 99 -12.15 -16.88 -2.87
CA PRO C 99 -11.45 -17.59 -3.95
C PRO C 99 -10.11 -18.18 -3.53
N TYR C 100 -9.59 -17.73 -2.40
CA TYR C 100 -8.32 -18.25 -1.92
C TYR C 100 -8.47 -18.90 -0.55
N ARG C 101 -9.65 -19.47 -0.30
CA ARG C 101 -9.93 -20.13 0.97
C ARG C 101 -10.14 -21.62 0.77
N GLY C 102 -9.77 -22.41 1.78
CA GLY C 102 -9.93 -23.85 1.69
C GLY C 102 -8.79 -24.55 0.97
N LYS C 103 -7.65 -23.88 0.88
CA LYS C 103 -6.48 -24.43 0.21
C LYS C 103 -5.39 -24.77 1.20
N GLY C 104 -5.51 -24.20 2.41
CA GLY C 104 -4.52 -24.44 3.44
C GLY C 104 -3.62 -23.26 3.65
N TYR C 105 -3.94 -22.15 3.02
CA TYR C 105 -3.13 -20.95 3.13
C TYR C 105 -3.23 -20.31 4.53
N ALA C 106 -4.35 -20.53 5.21
CA ALA C 106 -4.55 -19.96 6.55
C ALA C 106 -3.46 -20.43 7.50
N LYS C 107 -3.20 -21.74 7.50
CA LYS C 107 -2.20 -22.30 8.39
C LYS C 107 -0.82 -21.78 8.01
N GLN C 108 -0.58 -21.64 6.72
CA GLN C 108 0.71 -21.13 6.26
C GLN C 108 0.84 -19.71 6.80
N ALA C 109 -0.24 -18.93 6.68
CA ALA C 109 -0.24 -17.55 7.15
C ALA C 109 0.09 -17.48 8.64
N LEU C 110 -0.51 -18.35 9.45
CA LEU C 110 -0.24 -18.35 10.89
C LEU C 110 1.21 -18.74 11.16
N ALA C 111 1.77 -19.57 10.28
CA ALA C 111 3.15 -19.99 10.43
C ALA C 111 4.01 -18.76 10.14
N ALA C 112 3.60 -18.00 9.11
CA ALA C 112 4.30 -16.79 8.71
C ALA C 112 4.17 -15.76 9.82
N LEU C 113 3.04 -15.78 10.52
CA LEU C 113 2.84 -14.84 11.60
C LEU C 113 3.81 -15.19 12.72
N ASP C 114 3.86 -16.47 13.10
CA ASP C 114 4.77 -16.89 14.18
C ASP C 114 6.22 -16.52 13.85
N GLN C 115 6.60 -16.65 12.57
CA GLN C 115 7.96 -16.31 12.17
C GLN C 115 8.15 -14.80 12.29
N ALA C 116 7.14 -14.03 11.89
CA ALA C 116 7.26 -12.57 11.97
C ALA C 116 7.26 -12.11 13.42
N ALA C 117 6.36 -12.65 14.23
CA ALA C 117 6.30 -12.25 15.63
C ALA C 117 7.65 -12.48 16.30
N ARG C 118 8.22 -13.66 16.12
CA ARG C 118 9.50 -13.97 16.73
C ARG C 118 10.57 -12.96 16.30
N SER C 119 10.62 -12.62 15.02
CA SER C 119 11.60 -11.63 14.56
C SER C 119 11.27 -10.23 15.08
N MSE C 120 10.07 -10.03 15.59
CA MSE C 120 9.67 -8.73 16.11
C MSE C 120 9.82 -8.67 17.62
O MSE C 120 9.62 -7.64 18.24
CB MSE C 120 8.22 -8.42 15.77
CG MSE C 120 7.98 -8.15 14.31
SE MSE C 120 6.12 -7.89 14.00
CE MSE C 120 5.84 -6.37 15.17
N GLY C 121 10.14 -9.81 18.21
CA GLY C 121 10.32 -9.88 19.65
C GLY C 121 9.04 -10.25 20.37
N ILE C 122 7.99 -10.58 19.62
CA ILE C 122 6.71 -10.97 20.22
C ILE C 122 6.71 -12.42 20.67
N ARG C 123 6.49 -12.67 21.96
CA ARG C 123 6.51 -14.04 22.46
C ARG C 123 5.13 -14.61 22.76
N LYS C 124 4.08 -13.87 22.44
CA LYS C 124 2.74 -14.37 22.71
C LYS C 124 1.70 -13.78 21.76
N LEU C 125 0.72 -14.60 21.39
CA LEU C 125 -0.32 -14.15 20.49
C LEU C 125 -1.70 -14.41 21.07
N SER C 126 -2.60 -13.46 20.81
CA SER C 126 -3.96 -13.55 21.31
C SER C 126 -4.89 -13.05 20.21
N LEU C 127 -6.15 -13.47 20.27
CA LEU C 127 -7.12 -13.09 19.27
C LEU C 127 -8.56 -13.24 19.75
N HIS C 128 -9.46 -12.70 18.94
CA HIS C 128 -10.85 -12.81 19.23
C HIS C 128 -11.45 -13.56 18.04
N VAL C 129 -12.50 -14.32 18.31
CA VAL C 129 -13.18 -15.04 17.27
C VAL C 129 -14.57 -15.37 17.71
N PHE C 130 -15.55 -14.96 16.93
CA PHE C 130 -16.93 -15.24 17.27
C PHE C 130 -17.12 -16.71 17.50
N ALA C 131 -18.05 -17.06 18.39
CA ALA C 131 -18.29 -18.46 18.70
C ALA C 131 -18.85 -19.24 17.50
N HIS C 132 -19.68 -18.60 16.68
CA HIS C 132 -20.27 -19.28 15.53
C HIS C 132 -19.28 -19.63 14.44
N ASN C 133 -18.10 -19.02 14.49
CA ASN C 133 -17.07 -19.26 13.50
C ASN C 133 -16.24 -20.47 13.92
N GLN C 134 -16.88 -21.64 13.94
CA GLN C 134 -16.19 -22.86 14.35
C GLN C 134 -15.02 -23.24 13.46
N THR C 135 -15.09 -22.85 12.20
CA THR C 135 -14.04 -23.17 11.25
C THR C 135 -12.72 -22.60 11.79
N ALA C 136 -12.70 -21.30 12.04
CA ALA C 136 -11.50 -20.65 12.56
C ALA C 136 -11.11 -21.21 13.92
N ARG C 137 -12.09 -21.39 14.81
CA ARG C 137 -11.78 -21.92 16.14
C ARG C 137 -10.95 -23.19 16.05
N LYS C 138 -11.38 -24.15 15.25
CA LYS C 138 -10.61 -25.39 15.09
C LYS C 138 -9.19 -25.10 14.59
N LEU C 139 -9.09 -24.40 13.46
CA LEU C 139 -7.79 -24.06 12.90
C LEU C 139 -6.88 -23.40 13.96
N TYR C 140 -7.44 -22.48 14.75
CA TYR C 140 -6.65 -21.83 15.79
C TYR C 140 -6.18 -22.84 16.81
N GLU C 141 -7.07 -23.73 17.24
CA GLU C 141 -6.66 -24.73 18.22
C GLU C 141 -5.61 -25.65 17.61
N GLN C 142 -5.70 -25.87 16.29
CA GLN C 142 -4.76 -26.72 15.58
C GLN C 142 -3.37 -26.06 15.54
N THR C 143 -3.34 -24.73 15.56
CA THR C 143 -2.07 -24.04 15.50
C THR C 143 -1.50 -23.69 16.86
N GLY C 144 -1.99 -24.37 17.89
CA GLY C 144 -1.49 -24.13 19.22
C GLY C 144 -2.24 -23.10 20.03
N PHE C 145 -3.24 -22.47 19.44
CA PHE C 145 -4.04 -21.48 20.18
C PHE C 145 -4.96 -22.20 21.15
N GLN C 146 -5.31 -21.52 22.24
CA GLN C 146 -6.18 -22.08 23.23
C GLN C 146 -7.06 -21.04 23.92
N GLU C 147 -8.31 -21.42 24.14
CA GLU C 147 -9.30 -20.58 24.79
C GLU C 147 -8.87 -20.10 26.18
N THR C 148 -9.18 -18.85 26.48
CA THR C 148 -8.84 -18.24 27.77
C THR C 148 -10.04 -17.50 28.34
N ASP C 149 -10.88 -16.98 27.47
CA ASP C 149 -12.08 -16.25 27.90
C ASP C 149 -13.24 -16.59 26.99
N VAL C 150 -14.45 -16.48 27.52
CA VAL C 150 -15.65 -16.76 26.75
C VAL C 150 -16.75 -15.77 27.11
N VAL C 151 -17.45 -15.26 26.10
CA VAL C 151 -18.56 -14.36 26.37
C VAL C 151 -19.80 -15.15 25.98
N MSE C 152 -20.81 -15.14 26.85
CA MSE C 152 -22.04 -15.86 26.60
C MSE C 152 -23.21 -14.93 26.83
O MSE C 152 -23.13 -13.99 27.61
CB MSE C 152 -22.17 -17.07 27.52
CG MSE C 152 -21.02 -18.07 27.38
SE MSE C 152 -21.17 -19.54 28.64
CE MSE C 152 -20.64 -18.70 30.22
N SER C 153 -24.32 -15.23 26.15
CA SER C 153 -25.50 -14.39 26.28
C SER C 153 -26.74 -15.28 26.25
N LYS C 154 -27.85 -14.73 26.73
CA LYS C 154 -29.10 -15.45 26.72
C LYS C 154 -30.25 -14.46 26.61
N LYS C 155 -31.21 -14.78 25.75
CA LYS C 155 -32.37 -13.93 25.59
C LYS C 155 -33.37 -14.47 26.61
N LEU C 156 -33.94 -13.59 27.42
CA LEU C 156 -34.91 -14.00 28.41
C LEU C 156 -36.30 -13.95 27.79
N LEU C 157 -36.61 -12.81 27.16
CA LEU C 157 -37.90 -12.57 26.52
C LEU C 157 -37.73 -12.44 25.00
N THR D 2 -38.81 -10.24 0.09
CA THR D 2 -38.21 -10.74 -1.14
C THR D 2 -37.08 -9.83 -1.59
N ILE D 3 -36.24 -10.32 -2.49
CA ILE D 3 -35.12 -9.54 -3.01
C ILE D 3 -35.59 -8.65 -4.15
N MSE D 4 -35.31 -7.35 -4.03
CA MSE D 4 -35.71 -6.40 -5.08
C MSE D 4 -34.58 -5.43 -5.46
O MSE D 4 -33.57 -5.34 -4.78
CB MSE D 4 -36.94 -5.62 -4.63
CG MSE D 4 -36.83 -4.97 -3.27
SE MSE D 4 -38.60 -4.72 -2.61
CE MSE D 4 -39.10 -3.22 -3.74
N LEU D 5 -34.79 -4.71 -6.55
CA LEU D 5 -33.81 -3.78 -7.07
C LEU D 5 -33.95 -2.35 -6.54
N THR D 6 -32.80 -1.72 -6.32
CA THR D 6 -32.74 -0.34 -5.83
C THR D 6 -31.52 0.32 -6.46
N PRO D 7 -31.68 1.52 -7.03
CA PRO D 7 -30.53 2.17 -7.65
C PRO D 7 -29.30 2.11 -6.75
N MSE D 8 -28.17 1.72 -7.32
CA MSE D 8 -26.92 1.60 -6.57
C MSE D 8 -26.38 2.97 -6.16
O MSE D 8 -26.41 3.92 -6.94
CB MSE D 8 -25.88 0.86 -7.40
CG MSE D 8 -24.56 0.67 -6.72
SE MSE D 8 -23.40 -0.51 -7.71
CE MSE D 8 -24.10 -2.15 -7.02
N GLN D 9 -25.90 3.07 -4.92
CA GLN D 9 -25.37 4.32 -4.41
C GLN D 9 -23.90 4.52 -4.78
N THR D 10 -23.46 5.77 -4.85
CA THR D 10 -22.08 6.08 -5.23
C THR D 10 -21.04 5.41 -4.32
N GLU D 11 -21.39 5.21 -3.06
CA GLU D 11 -20.48 4.57 -2.14
C GLU D 11 -20.43 3.07 -2.47
N GLU D 12 -21.60 2.44 -2.62
CA GLU D 12 -21.66 1.02 -2.96
C GLU D 12 -21.00 0.75 -4.32
N PHE D 13 -21.13 1.70 -5.25
CA PHE D 13 -20.55 1.57 -6.58
C PHE D 13 -19.02 1.53 -6.52
N ARG D 14 -18.42 2.48 -5.82
CA ARG D 14 -16.96 2.52 -5.70
C ARG D 14 -16.40 1.17 -5.23
N SER D 15 -16.95 0.66 -4.13
CA SER D 15 -16.51 -0.62 -3.59
C SER D 15 -16.83 -1.77 -4.54
N TYR D 16 -17.94 -1.65 -5.26
CA TYR D 16 -18.36 -2.68 -6.19
C TYR D 16 -17.54 -2.65 -7.47
N LEU D 17 -17.33 -1.47 -8.03
CA LEU D 17 -16.55 -1.38 -9.25
C LEU D 17 -15.20 -2.00 -8.99
N THR D 18 -14.57 -1.60 -7.89
CA THR D 18 -13.26 -2.13 -7.52
C THR D 18 -13.28 -3.65 -7.37
N TYR D 19 -14.28 -4.15 -6.65
CA TYR D 19 -14.42 -5.58 -6.43
C TYR D 19 -14.72 -6.35 -7.70
N THR D 20 -15.48 -5.74 -8.61
CA THR D 20 -15.83 -6.43 -9.86
C THR D 20 -14.66 -6.37 -10.85
N THR D 21 -13.90 -5.28 -10.81
CA THR D 21 -12.74 -5.16 -11.68
C THR D 21 -11.67 -6.15 -11.25
N LYS D 22 -11.54 -6.38 -9.95
CA LYS D 22 -10.53 -7.32 -9.46
C LYS D 22 -10.94 -8.75 -9.75
N HIS D 23 -12.23 -9.01 -9.58
CA HIS D 23 -12.81 -10.31 -9.82
C HIS D 23 -12.71 -10.68 -11.29
N TYR D 24 -13.02 -9.72 -12.15
CA TYR D 24 -12.96 -9.98 -13.59
C TYR D 24 -11.52 -10.32 -13.99
N ALA D 25 -10.55 -9.65 -13.38
CA ALA D 25 -9.17 -9.98 -13.73
C ALA D 25 -8.87 -11.44 -13.31
N GLU D 26 -9.32 -11.84 -12.12
CA GLU D 26 -9.08 -13.21 -11.65
C GLU D 26 -9.70 -14.25 -12.57
N GLU D 27 -10.94 -14.00 -13.00
CA GLU D 27 -11.61 -14.93 -13.90
C GLU D 27 -10.83 -15.03 -15.19
N LYS D 28 -10.50 -13.88 -15.78
CA LYS D 28 -9.76 -13.83 -17.03
C LYS D 28 -8.42 -14.57 -16.91
N VAL D 29 -7.73 -14.39 -15.79
CA VAL D 29 -6.47 -15.08 -15.60
C VAL D 29 -6.73 -16.57 -15.47
N LYS D 30 -7.78 -16.94 -14.74
CA LYS D 30 -8.09 -18.34 -14.54
C LYS D 30 -8.41 -19.03 -15.86
N ALA D 31 -9.26 -18.42 -16.68
CA ALA D 31 -9.60 -19.02 -17.96
C ALA D 31 -8.36 -19.11 -18.85
N GLY D 32 -7.31 -18.39 -18.47
CA GLY D 32 -6.08 -18.40 -19.24
C GLY D 32 -6.12 -17.37 -20.35
N THR D 33 -7.25 -16.71 -20.49
CA THR D 33 -7.42 -15.70 -21.52
C THR D 33 -6.49 -14.50 -21.33
N TRP D 34 -6.25 -14.10 -20.09
CA TRP D 34 -5.37 -12.98 -19.83
C TRP D 34 -4.16 -13.44 -19.03
N LEU D 35 -3.05 -12.71 -19.19
CA LEU D 35 -1.84 -13.01 -18.46
C LEU D 35 -1.87 -12.25 -17.14
N PRO D 36 -1.41 -12.89 -16.06
CA PRO D 36 -1.34 -12.35 -14.70
C PRO D 36 -0.88 -10.90 -14.59
N GLU D 37 0.24 -10.59 -15.25
CA GLU D 37 0.81 -9.23 -15.22
C GLU D 37 0.06 -8.19 -16.03
N ASP D 38 -1.10 -8.56 -16.55
CA ASP D 38 -1.90 -7.62 -17.34
C ASP D 38 -3.30 -7.53 -16.80
N ALA D 39 -3.80 -8.67 -16.37
CA ALA D 39 -5.15 -8.81 -15.83
C ALA D 39 -5.68 -7.55 -15.17
N GLN D 40 -4.98 -7.09 -14.14
CA GLN D 40 -5.39 -5.90 -13.41
C GLN D 40 -5.58 -4.70 -14.33
N LEU D 41 -4.51 -4.30 -15.01
CA LEU D 41 -4.57 -3.15 -15.91
C LEU D 41 -5.62 -3.30 -17.02
N LEU D 42 -5.63 -4.45 -17.68
CA LEU D 42 -6.59 -4.70 -18.76
C LEU D 42 -8.04 -4.63 -18.28
N SER D 43 -8.29 -5.18 -17.10
CA SER D 43 -9.62 -5.20 -16.50
C SER D 43 -10.17 -3.80 -16.34
N LYS D 44 -9.35 -2.89 -15.82
CA LYS D 44 -9.78 -1.52 -15.62
C LYS D 44 -10.27 -0.91 -16.92
N GLN D 45 -9.49 -1.09 -17.98
CA GLN D 45 -9.85 -0.53 -19.28
C GLN D 45 -11.20 -1.09 -19.73
N VAL D 46 -11.50 -2.32 -19.36
CA VAL D 46 -12.76 -2.94 -19.75
C VAL D 46 -13.95 -2.29 -19.07
N PHE D 47 -13.77 -1.92 -17.81
CA PHE D 47 -14.84 -1.32 -17.05
C PHE D 47 -14.98 0.17 -17.24
N THR D 48 -13.88 0.85 -17.50
CA THR D 48 -13.95 2.28 -17.72
C THR D 48 -14.71 2.55 -19.03
N ASP D 49 -14.47 1.71 -20.04
CA ASP D 49 -15.14 1.89 -21.35
C ASP D 49 -16.64 1.58 -21.27
N LEU D 50 -17.03 0.63 -20.42
CA LEU D 50 -18.42 0.28 -20.27
C LEU D 50 -19.16 1.40 -19.53
N LEU D 51 -18.56 1.89 -18.46
CA LEU D 51 -19.16 2.97 -17.65
C LEU D 51 -18.37 4.30 -17.69
N PRO D 52 -18.28 4.93 -18.87
CA PRO D 52 -17.55 6.21 -19.01
C PRO D 52 -18.05 7.25 -18.02
N ARG D 53 -19.32 7.13 -17.63
CA ARG D 53 -19.96 8.05 -16.71
C ARG D 53 -20.45 7.33 -15.45
N GLY D 54 -19.65 6.40 -14.96
CA GLY D 54 -19.98 5.66 -13.76
C GLY D 54 -21.42 5.18 -13.74
N LEU D 55 -22.14 5.54 -12.69
CA LEU D 55 -23.52 5.15 -12.53
C LEU D 55 -24.44 5.91 -13.47
N GLU D 56 -23.95 7.02 -14.00
CA GLU D 56 -24.76 7.84 -14.89
C GLU D 56 -24.63 7.45 -16.35
N THR D 57 -23.95 6.34 -16.61
CA THR D 57 -23.78 5.88 -17.99
C THR D 57 -25.14 5.48 -18.54
N PRO D 58 -25.66 6.27 -19.50
CA PRO D 58 -26.96 6.00 -20.09
C PRO D 58 -27.25 4.56 -20.55
N HIS D 59 -28.50 4.17 -20.34
CA HIS D 59 -28.99 2.86 -20.72
C HIS D 59 -28.40 1.77 -19.84
N HIS D 60 -27.52 2.15 -18.92
CA HIS D 60 -26.95 1.18 -18.00
C HIS D 60 -27.69 1.33 -16.69
N HIS D 61 -28.02 0.21 -16.06
CA HIS D 61 -28.73 0.21 -14.80
C HIS D 61 -27.97 -0.60 -13.78
N LEU D 62 -27.46 0.06 -12.74
CA LEU D 62 -26.73 -0.64 -11.69
C LEU D 62 -27.55 -0.66 -10.42
N TRP D 63 -28.06 -1.84 -10.07
CA TRP D 63 -28.89 -2.00 -8.87
C TRP D 63 -28.20 -2.80 -7.78
N SER D 64 -28.63 -2.57 -6.55
CA SER D 64 -28.11 -3.30 -5.40
C SER D 64 -29.22 -4.27 -5.00
N LEU D 65 -28.86 -5.53 -4.77
CA LEU D 65 -29.83 -6.52 -4.37
C LEU D 65 -30.00 -6.45 -2.86
N LYS D 66 -31.22 -6.63 -2.38
CA LYS D 66 -31.51 -6.60 -0.95
C LYS D 66 -32.90 -7.16 -0.64
N LEU D 67 -33.02 -7.97 0.41
CA LEU D 67 -34.32 -8.54 0.79
C LEU D 67 -35.17 -7.36 1.22
N ASN D 68 -34.91 -6.87 2.42
CA ASN D 68 -35.64 -5.70 2.92
C ASN D 68 -34.69 -4.55 2.67
N GLU D 69 -35.19 -3.34 2.65
CA GLU D 69 -34.35 -2.17 2.41
C GLU D 69 -33.40 -1.89 3.58
N LYS D 70 -32.56 -2.88 3.89
CA LYS D 70 -31.57 -2.75 4.98
C LYS D 70 -30.37 -3.67 4.79
N ASP D 71 -30.54 -4.73 4.01
CA ASP D 71 -29.45 -5.68 3.78
C ASP D 71 -29.06 -5.80 2.31
N ILE D 72 -28.02 -5.07 1.91
CA ILE D 72 -27.54 -5.14 0.52
C ILE D 72 -26.70 -6.41 0.42
N VAL D 73 -27.25 -7.43 -0.22
CA VAL D 73 -26.58 -8.72 -0.36
C VAL D 73 -26.00 -9.02 -1.72
N GLY D 74 -26.29 -8.16 -2.70
CA GLY D 74 -25.78 -8.41 -4.04
C GLY D 74 -25.76 -7.23 -4.97
N TRP D 75 -25.77 -7.53 -6.26
CA TRP D 75 -25.73 -6.52 -7.32
C TRP D 75 -26.28 -7.07 -8.63
N LEU D 76 -26.78 -6.18 -9.47
CA LEU D 76 -27.33 -6.54 -10.78
C LEU D 76 -26.99 -5.38 -11.73
N TRP D 77 -26.21 -5.66 -12.76
CA TRP D 77 -25.85 -4.63 -13.71
C TRP D 77 -26.36 -5.02 -15.09
N ILE D 78 -27.30 -4.24 -15.61
CA ILE D 78 -27.93 -4.52 -16.90
C ILE D 78 -27.82 -3.35 -17.88
N HIS D 79 -27.71 -3.68 -19.16
CA HIS D 79 -27.62 -2.68 -20.20
C HIS D 79 -28.76 -2.86 -21.21
N ALA D 80 -29.70 -1.93 -21.24
CA ALA D 80 -30.81 -1.98 -22.18
C ALA D 80 -30.47 -1.06 -23.35
N GLU D 81 -29.79 -1.59 -24.36
CA GLU D 81 -29.39 -0.78 -25.49
C GLU D 81 -30.54 0.07 -26.02
N PRO D 82 -30.21 1.29 -26.47
CA PRO D 82 -31.18 2.24 -27.01
C PRO D 82 -31.70 1.75 -28.36
N GLU D 83 -32.99 1.39 -28.41
CA GLU D 83 -33.61 0.89 -29.63
C GLU D 83 -32.92 -0.39 -30.14
N HIS D 84 -33.10 -1.49 -29.42
CA HIS D 84 -32.49 -2.77 -29.82
C HIS D 84 -33.45 -3.60 -30.67
N PRO D 85 -33.03 -3.96 -31.90
CA PRO D 85 -33.87 -4.76 -32.80
C PRO D 85 -34.68 -5.88 -32.15
N GLN D 86 -34.22 -6.37 -31.00
CA GLN D 86 -34.92 -7.43 -30.29
C GLN D 86 -35.34 -7.07 -28.89
N GLN D 87 -35.20 -5.78 -28.55
CA GLN D 87 -35.57 -5.29 -27.22
C GLN D 87 -34.87 -6.09 -26.13
N GLU D 88 -33.62 -6.48 -26.35
CA GLU D 88 -32.90 -7.25 -25.35
C GLU D 88 -32.07 -6.40 -24.40
N ALA D 89 -31.81 -6.95 -23.22
CA ALA D 89 -31.01 -6.29 -22.19
C ALA D 89 -29.88 -7.25 -21.87
N PHE D 90 -28.65 -6.75 -21.84
CA PHE D 90 -27.49 -7.58 -21.53
C PHE D 90 -27.16 -7.44 -20.04
N ILE D 91 -26.93 -8.55 -19.37
CA ILE D 91 -26.57 -8.50 -17.96
C ILE D 91 -25.05 -8.52 -17.83
N TYR D 92 -24.43 -7.36 -17.68
CA TYR D 92 -22.98 -7.29 -17.55
C TYR D 92 -22.47 -7.93 -16.29
N ASP D 93 -23.22 -7.85 -15.21
CA ASP D 93 -22.73 -8.44 -13.98
C ASP D 93 -23.88 -8.80 -13.06
N PHE D 94 -23.65 -9.78 -12.20
CA PHE D 94 -24.67 -10.25 -11.27
C PHE D 94 -24.04 -11.14 -10.20
N GLY D 95 -24.54 -11.01 -8.98
CA GLY D 95 -24.01 -11.82 -7.90
C GLY D 95 -24.36 -11.28 -6.52
N LEU D 96 -23.83 -11.96 -5.51
CA LEU D 96 -24.05 -11.60 -4.11
C LEU D 96 -22.70 -11.54 -3.40
N TYR D 97 -22.63 -10.89 -2.25
CA TYR D 97 -21.36 -10.82 -1.52
C TYR D 97 -21.09 -12.12 -0.78
N GLU D 98 -19.82 -12.33 -0.44
CA GLU D 98 -19.38 -13.54 0.25
C GLU D 98 -20.27 -13.94 1.42
N PRO D 99 -20.57 -12.99 2.33
CA PRO D 99 -21.41 -13.28 3.49
C PRO D 99 -22.88 -13.52 3.17
N TYR D 100 -23.22 -13.56 1.88
CA TYR D 100 -24.60 -13.78 1.46
C TYR D 100 -24.63 -14.69 0.25
N ARG D 101 -24.57 -15.99 0.49
CA ARG D 101 -24.60 -16.97 -0.59
C ARG D 101 -25.35 -18.24 -0.18
N GLY D 102 -25.73 -19.03 -1.16
CA GLY D 102 -26.45 -20.27 -0.89
C GLY D 102 -27.85 -20.10 -0.33
N LYS D 103 -28.13 -18.92 0.23
CA LYS D 103 -29.44 -18.64 0.81
C LYS D 103 -30.55 -18.58 -0.23
N GLY D 104 -30.20 -18.88 -1.47
CA GLY D 104 -31.18 -18.87 -2.55
C GLY D 104 -31.63 -17.48 -2.97
N TYR D 105 -30.78 -16.49 -2.74
CA TYR D 105 -31.12 -15.10 -3.11
C TYR D 105 -31.02 -14.85 -4.62
N ALA D 106 -30.08 -15.54 -5.27
CA ALA D 106 -29.87 -15.39 -6.69
C ALA D 106 -31.12 -15.74 -7.48
N LYS D 107 -31.74 -16.86 -7.12
CA LYS D 107 -32.96 -17.27 -7.81
C LYS D 107 -33.99 -16.16 -7.66
N GLN D 108 -34.15 -15.67 -6.44
CA GLN D 108 -35.11 -14.60 -6.15
C GLN D 108 -34.69 -13.30 -6.81
N ALA D 109 -33.38 -13.16 -7.05
CA ALA D 109 -32.86 -11.96 -7.69
C ALA D 109 -33.22 -11.99 -9.17
N LEU D 110 -33.00 -13.13 -9.83
CA LEU D 110 -33.31 -13.27 -11.25
C LEU D 110 -34.79 -13.05 -11.51
N ALA D 111 -35.62 -13.45 -10.54
CA ALA D 111 -37.06 -13.29 -10.65
C ALA D 111 -37.40 -11.81 -10.62
N ALA D 112 -36.73 -11.06 -9.74
CA ALA D 112 -36.96 -9.63 -9.64
C ALA D 112 -36.47 -8.99 -10.94
N LEU D 113 -35.46 -9.60 -11.54
CA LEU D 113 -34.90 -9.10 -12.79
C LEU D 113 -35.95 -9.32 -13.89
N ASP D 114 -36.55 -10.51 -13.89
CA ASP D 114 -37.59 -10.84 -14.88
C ASP D 114 -38.74 -9.85 -14.72
N GLN D 115 -39.10 -9.55 -13.48
CA GLN D 115 -40.19 -8.62 -13.24
C GLN D 115 -39.83 -7.21 -13.70
N ALA D 116 -38.63 -6.74 -13.35
CA ALA D 116 -38.18 -5.41 -13.75
C ALA D 116 -38.02 -5.32 -15.26
N ALA D 117 -37.35 -6.31 -15.84
CA ALA D 117 -37.12 -6.34 -17.28
C ALA D 117 -38.44 -6.25 -18.02
N ARG D 118 -39.42 -6.98 -17.52
CA ARG D 118 -40.74 -6.99 -18.16
C ARG D 118 -41.37 -5.62 -18.04
N SER D 119 -41.12 -4.93 -16.93
CA SER D 119 -41.69 -3.59 -16.75
C SER D 119 -41.07 -2.55 -17.66
N MSE D 120 -39.78 -2.66 -17.90
CA MSE D 120 -39.11 -1.70 -18.75
C MSE D 120 -39.14 -2.01 -20.24
O MSE D 120 -38.47 -1.35 -21.04
CB MSE D 120 -37.66 -1.49 -18.28
CG MSE D 120 -37.04 -2.68 -17.58
SE MSE D 120 -35.67 -2.15 -16.28
CE MSE D 120 -34.43 -1.31 -17.50
N GLY D 121 -39.93 -2.99 -20.64
CA GLY D 121 -40.03 -3.33 -22.04
C GLY D 121 -39.07 -4.39 -22.54
N ILE D 122 -38.11 -4.81 -21.71
CA ILE D 122 -37.14 -5.83 -22.09
C ILE D 122 -37.82 -7.15 -22.49
N ARG D 123 -37.77 -7.49 -23.78
CA ARG D 123 -38.38 -8.72 -24.25
C ARG D 123 -37.37 -9.85 -24.42
N LYS D 124 -36.16 -9.67 -23.92
CA LYS D 124 -35.14 -10.70 -24.04
C LYS D 124 -33.89 -10.39 -23.21
N LEU D 125 -33.39 -11.36 -22.47
CA LEU D 125 -32.21 -11.15 -21.66
C LEU D 125 -31.02 -11.93 -22.16
N SER D 126 -29.85 -11.30 -22.10
CA SER D 126 -28.63 -11.97 -22.53
C SER D 126 -27.52 -11.73 -21.50
N LEU D 127 -26.56 -12.64 -21.47
CA LEU D 127 -25.46 -12.51 -20.53
C LEU D 127 -24.26 -13.38 -20.90
N HIS D 128 -23.15 -13.08 -20.26
CA HIS D 128 -21.91 -13.82 -20.44
C HIS D 128 -21.56 -14.45 -19.09
N VAL D 129 -21.13 -15.71 -19.12
CA VAL D 129 -20.72 -16.43 -17.91
C VAL D 129 -19.42 -17.15 -18.22
N PHE D 130 -18.40 -16.97 -17.39
CA PHE D 130 -17.14 -17.66 -17.64
C PHE D 130 -17.42 -19.15 -17.58
N ALA D 131 -16.63 -19.91 -18.31
CA ALA D 131 -16.77 -21.36 -18.36
C ALA D 131 -16.65 -22.02 -16.99
N HIS D 132 -15.65 -21.63 -16.20
CA HIS D 132 -15.44 -22.24 -14.89
C HIS D 132 -16.55 -21.96 -13.87
N ASN D 133 -17.38 -20.96 -14.14
CA ASN D 133 -18.49 -20.60 -13.26
C ASN D 133 -19.66 -21.58 -13.43
N GLN D 134 -19.45 -22.83 -13.00
CA GLN D 134 -20.49 -23.85 -13.13
C GLN D 134 -21.70 -23.53 -12.25
N THR D 135 -21.46 -22.90 -11.11
CA THR D 135 -22.51 -22.52 -10.19
C THR D 135 -23.51 -21.62 -10.91
N ALA D 136 -23.01 -20.48 -11.39
CA ALA D 136 -23.87 -19.54 -12.10
C ALA D 136 -24.52 -20.19 -13.32
N ARG D 137 -23.77 -21.00 -14.06
CA ARG D 137 -24.32 -21.65 -15.24
C ARG D 137 -25.54 -22.52 -14.90
N LYS D 138 -25.46 -23.29 -13.83
CA LYS D 138 -26.61 -24.12 -13.47
C LYS D 138 -27.80 -23.24 -13.08
N LEU D 139 -27.51 -22.13 -12.41
CA LEU D 139 -28.57 -21.22 -11.99
C LEU D 139 -29.32 -20.69 -13.21
N TYR D 140 -28.59 -20.06 -14.13
CA TYR D 140 -29.20 -19.51 -15.34
C TYR D 140 -30.03 -20.54 -16.10
N GLU D 141 -29.54 -21.77 -16.20
CA GLU D 141 -30.28 -22.80 -16.91
C GLU D 141 -31.63 -23.03 -16.27
N GLN D 142 -31.65 -23.07 -14.93
CA GLN D 142 -32.89 -23.28 -14.19
C GLN D 142 -33.88 -22.13 -14.37
N THR D 143 -33.36 -20.94 -14.63
CA THR D 143 -34.23 -19.79 -14.83
C THR D 143 -34.66 -19.62 -16.27
N GLY D 144 -34.32 -20.60 -17.12
CA GLY D 144 -34.71 -20.53 -18.51
C GLY D 144 -33.65 -20.07 -19.50
N PHE D 145 -32.45 -19.75 -19.02
CA PHE D 145 -31.38 -19.30 -19.91
C PHE D 145 -30.87 -20.42 -20.79
N GLN D 146 -30.41 -20.06 -21.98
CA GLN D 146 -29.91 -21.04 -22.92
C GLN D 146 -28.60 -20.54 -23.54
N GLU D 147 -27.67 -21.46 -23.79
CA GLU D 147 -26.40 -21.09 -24.38
C GLU D 147 -26.57 -20.80 -25.86
N THR D 148 -25.84 -19.82 -26.36
CA THR D 148 -25.96 -19.43 -27.76
C THR D 148 -24.61 -19.38 -28.43
N ASP D 149 -23.62 -18.98 -27.65
CA ASP D 149 -22.25 -18.84 -28.11
C ASP D 149 -21.30 -19.40 -27.10
N VAL D 150 -20.15 -19.87 -27.58
CA VAL D 150 -19.14 -20.42 -26.70
C VAL D 150 -17.76 -20.05 -27.22
N VAL D 151 -16.85 -19.73 -26.31
CA VAL D 151 -15.48 -19.40 -26.65
C VAL D 151 -14.67 -20.55 -26.07
N MSE D 152 -13.71 -21.05 -26.84
CA MSE D 152 -12.89 -22.17 -26.40
C MSE D 152 -11.42 -21.90 -26.75
O MSE D 152 -11.12 -21.19 -27.68
CB MSE D 152 -13.33 -23.45 -27.10
CG MSE D 152 -14.84 -23.69 -27.11
SE MSE D 152 -15.27 -25.51 -27.69
CE MSE D 152 -14.59 -26.41 -26.17
N SER D 153 -10.53 -22.53 -26.00
CA SER D 153 -9.11 -22.37 -26.23
C SER D 153 -8.39 -23.70 -26.03
N LYS D 154 -7.21 -23.81 -26.63
CA LYS D 154 -6.40 -25.01 -26.50
C LYS D 154 -4.96 -24.55 -26.48
N LYS D 155 -4.22 -24.93 -25.45
CA LYS D 155 -2.83 -24.53 -25.38
C LYS D 155 -2.01 -25.62 -26.06
N LEU D 156 -1.17 -25.21 -27.01
CA LEU D 156 -0.33 -26.15 -27.72
C LEU D 156 0.95 -26.40 -26.92
N LEU D 157 1.43 -25.38 -26.22
CA LEU D 157 2.63 -25.51 -25.40
C LEU D 157 2.56 -24.72 -24.10
N GLU D 158 3.25 -23.58 -24.05
CA GLU D 158 3.25 -22.71 -22.86
C GLU D 158 3.93 -21.37 -23.17
S SO4 E . 24.48 15.02 8.15
O1 SO4 E . 24.70 16.47 8.31
O2 SO4 E . 25.53 14.45 7.30
O3 SO4 E . 24.48 14.37 9.48
O4 SO4 E . 23.17 14.80 7.49
CL CL F . 5.95 -4.35 9.38
S SO4 G . 4.64 5.19 -2.64
O1 SO4 G . 4.35 5.25 -4.08
O2 SO4 G . 4.28 3.85 -2.12
O3 SO4 G . 3.84 6.22 -1.94
O4 SO4 G . 6.06 5.43 -2.39
S SO4 H . -8.01 -22.86 4.73
O1 SO4 H . -8.02 -23.13 6.18
O2 SO4 H . -6.77 -22.18 4.35
O3 SO4 H . -8.08 -24.14 4.01
O4 SO4 H . -9.17 -22.02 4.38
S SO4 I . -27.97 -18.87 -3.87
O1 SO4 I . -27.98 -17.92 -2.75
O2 SO4 I . -28.18 -20.24 -3.37
O3 SO4 I . -26.65 -18.79 -4.56
O4 SO4 I . -29.03 -18.53 -4.83
#